data_1E8F
#
_entry.id   1E8F
#
_cell.length_a   129.280
_cell.length_b   129.280
_cell.length_c   130.400
_cell.angle_alpha   90.00
_cell.angle_beta   90.00
_cell.angle_gamma   90.00
#
_symmetry.space_group_name_H-M   'I 4'
#
loop_
_entity.id
_entity.type
_entity.pdbx_description
1 polymer 'VANILLYL-ALCOHOL OXIDASE'
2 water water
#
_entity_poly.entity_id   1
_entity_poly.type   'polypeptide(L)'
_entity_poly.pdbx_seq_one_letter_code
;MSKTQEFRPLTLPPKLSLSDFNEFIQDIIRIVGSENVEVISSKDQIVDGSYMKPTHTHDPTHVMDQDYFLASAIVAPRNV
ADVQSIVGLANKFSFPLWPISIGRNSGYGGAAPRVSGSVVLDMGKNMNRVLEVNVEGAYCVVEPGVTYHDLHNYLEANNL
RDKLWLDVPDLGGGSVLGNAVERGVGYTPYGDHWMMHSGMEVVLANGELLRTGMGALPDPKRPETMGLKPEDQPWSKIAH
LFPYGFGPYIDGLFSQSNMGIVTKIGIWLMPNPGGYQSYLITLPKDGDLKQAVDIIRPLRLGMALQNVPTIRHILLDAAV
LGDKRSYSSRTEPLSDEELDKIAKQLNLGRWNFYGALYGPEPIRRVLWETIKDAFSAIPGVKFYFPEDTPENSVLRVRDK
TMQGIPTYDELKWIDWLPNGAHLFFSPIAKVSGEDAMMQYAVTKKRCQEAGLDFIGTFTVGMREMHHIVCIVFNKKDLIQ
KRKVQWLMRTLIDDCAANGWGEYRTHLAFMDQIMETYNWNNSSFLRFNEVLKNAVDPNGIIAPGKSGVWPSQYSHVTWKL
;
_entity_poly.pdbx_strand_id   A,B
#
# COMPACT_ATOMS: atom_id res chain seq x y z
N GLU A 6 -23.69 13.84 32.56
CA GLU A 6 -24.53 13.03 33.46
C GLU A 6 -23.76 12.18 34.47
N PHE A 7 -24.49 11.82 35.53
CA PHE A 7 -24.10 11.09 36.68
C PHE A 7 -23.59 9.68 36.76
N ARG A 8 -24.48 8.68 36.90
CA ARG A 8 -24.14 7.29 37.07
C ARG A 8 -24.28 6.34 35.91
N PRO A 9 -23.15 6.00 35.26
CA PRO A 9 -23.12 5.08 34.15
C PRO A 9 -23.28 3.63 34.60
N LEU A 10 -23.62 2.77 33.67
CA LEU A 10 -23.78 1.34 33.89
C LEU A 10 -22.45 0.63 34.10
N THR A 11 -21.48 1.10 33.30
CA THR A 11 -20.15 0.53 33.39
C THR A 11 -19.13 1.67 33.36
N LEU A 12 -18.24 1.68 34.34
CA LEU A 12 -17.20 2.68 34.34
C LEU A 12 -15.94 2.01 33.75
N PRO A 13 -15.20 2.81 33.00
CA PRO A 13 -13.94 2.34 32.45
C PRO A 13 -13.01 1.94 33.59
N PRO A 14 -12.18 0.95 33.38
CA PRO A 14 -11.21 0.44 34.33
C PRO A 14 -10.45 1.41 35.21
N LYS A 15 -10.50 1.18 36.52
CA LYS A 15 -9.83 1.93 37.55
C LYS A 15 -10.36 3.32 37.82
N LEU A 16 -11.30 3.79 37.02
CA LEU A 16 -11.83 5.13 37.18
C LEU A 16 -12.94 5.22 38.20
N SER A 17 -12.81 6.18 39.11
CA SER A 17 -13.88 6.41 40.09
C SER A 17 -15.03 7.16 39.40
N LEU A 18 -16.19 7.08 40.02
CA LEU A 18 -17.39 7.77 39.57
C LEU A 18 -17.19 9.28 39.55
N SER A 19 -16.43 9.74 40.54
CA SER A 19 -16.12 11.14 40.73
C SER A 19 -15.33 11.58 39.50
N ASP A 20 -14.23 10.86 39.27
CA ASP A 20 -13.44 11.13 38.08
C ASP A 20 -14.34 11.16 36.86
N PHE A 21 -15.06 10.06 36.62
CA PHE A 21 -15.98 10.02 35.50
C PHE A 21 -16.87 11.25 35.42
N ASN A 22 -17.55 11.70 36.49
CA ASN A 22 -18.36 12.90 36.38
C ASN A 22 -17.53 14.15 36.16
N GLU A 23 -16.25 14.08 36.54
CA GLU A 23 -15.45 15.28 36.31
C GLU A 23 -15.23 15.49 34.83
N PHE A 24 -14.78 14.40 34.25
CA PHE A 24 -14.50 14.33 32.82
C PHE A 24 -15.69 14.73 31.97
N ILE A 25 -16.85 14.11 32.22
CA ILE A 25 -18.05 14.36 31.43
C ILE A 25 -18.40 15.83 31.50
N GLN A 26 -18.29 16.41 32.70
CA GLN A 26 -18.61 17.84 32.79
C GLN A 26 -17.69 18.62 31.87
N ASP A 27 -16.39 18.34 31.91
CA ASP A 27 -15.39 18.92 31.03
C ASP A 27 -15.72 18.79 29.55
N ILE A 28 -16.11 17.61 29.08
CA ILE A 28 -16.48 17.38 27.69
C ILE A 28 -17.80 18.04 27.33
N ILE A 29 -18.73 18.04 28.29
CA ILE A 29 -20.00 18.73 28.02
C ILE A 29 -19.67 20.20 27.85
N ARG A 30 -18.76 20.72 28.65
CA ARG A 30 -18.29 22.08 28.53
C ARG A 30 -17.52 22.33 27.24
N ILE A 31 -17.00 21.30 26.56
CA ILE A 31 -16.33 21.54 25.28
C ILE A 31 -17.31 21.43 24.12
N VAL A 32 -17.99 20.31 23.98
CA VAL A 32 -18.84 20.10 22.81
C VAL A 32 -20.34 20.27 22.97
N GLY A 33 -20.85 20.67 24.13
CA GLY A 33 -22.27 20.89 24.34
C GLY A 33 -22.92 19.60 24.81
N SER A 34 -23.97 19.73 25.65
CA SER A 34 -24.68 18.57 26.18
C SER A 34 -25.35 17.77 25.07
N GLU A 35 -25.67 18.39 23.93
CA GLU A 35 -26.35 17.72 22.84
C GLU A 35 -25.53 16.68 22.12
N ASN A 36 -24.25 16.57 22.44
CA ASN A 36 -23.29 15.68 21.85
C ASN A 36 -22.65 14.72 22.82
N VAL A 37 -22.87 14.57 24.11
CA VAL A 37 -21.97 13.66 24.86
C VAL A 37 -22.61 12.52 25.58
N GLU A 38 -23.28 11.43 25.09
CA GLU A 38 -24.26 10.64 25.81
C GLU A 38 -23.87 9.78 26.97
N VAL A 39 -24.51 9.84 28.12
CA VAL A 39 -24.11 8.92 29.19
C VAL A 39 -25.09 7.76 29.27
N ILE A 40 -24.62 6.53 29.25
CA ILE A 40 -25.44 5.33 29.28
C ILE A 40 -25.77 4.93 30.70
N SER A 41 -26.92 5.29 31.25
CA SER A 41 -27.29 4.94 32.63
C SER A 41 -27.98 3.61 32.82
N MET A 52 -30.31 2.06 9.58
CA MET A 52 -30.90 3.42 9.66
C MET A 52 -30.26 4.18 10.82
N LYS A 53 -30.85 4.05 12.00
CA LYS A 53 -30.23 4.66 13.19
C LYS A 53 -29.48 3.53 13.91
N PRO A 54 -28.18 3.41 13.68
CA PRO A 54 -27.34 2.42 14.33
C PRO A 54 -27.08 2.76 15.80
N THR A 55 -27.00 1.76 16.66
CA THR A 55 -26.71 2.01 18.08
C THR A 55 -25.20 2.20 18.18
N HIS A 56 -24.77 2.95 19.16
CA HIS A 56 -23.36 3.24 19.31
C HIS A 56 -22.89 2.93 20.73
N THR A 57 -23.80 2.41 21.54
CA THR A 57 -23.61 2.07 22.94
C THR A 57 -23.31 0.60 23.15
N HIS A 58 -23.65 -0.29 22.23
CA HIS A 58 -23.47 -1.71 22.51
C HIS A 58 -23.41 -2.56 21.27
N ASP A 59 -22.98 -3.81 21.43
CA ASP A 59 -22.88 -4.69 20.27
C ASP A 59 -24.30 -5.13 19.96
N PRO A 60 -24.76 -4.82 18.76
CA PRO A 60 -26.12 -5.05 18.32
C PRO A 60 -26.41 -6.44 17.86
N THR A 61 -25.34 -7.02 17.35
CA THR A 61 -25.40 -8.41 16.85
C THR A 61 -24.94 -9.08 18.13
N HIS A 62 -25.88 -9.28 19.06
CA HIS A 62 -25.52 -9.80 20.37
C HIS A 62 -24.98 -11.21 20.16
N VAL A 63 -23.94 -11.61 20.84
CA VAL A 63 -23.36 -12.93 20.55
C VAL A 63 -22.77 -13.39 21.90
N MET A 64 -22.11 -12.41 22.51
CA MET A 64 -21.49 -12.60 23.80
C MET A 64 -22.58 -12.14 24.79
N ASP A 65 -22.27 -12.19 26.07
CA ASP A 65 -23.27 -11.76 27.05
C ASP A 65 -23.08 -10.28 27.38
N GLN A 66 -23.96 -9.77 28.24
CA GLN A 66 -23.94 -8.38 28.67
C GLN A 66 -22.83 -8.05 29.65
N ASP A 67 -22.45 -6.78 29.62
CA ASP A 67 -21.32 -6.32 30.43
C ASP A 67 -20.15 -6.14 29.45
N TYR A 68 -20.23 -6.89 28.38
CA TYR A 68 -19.26 -6.95 27.31
C TYR A 68 -19.58 -5.93 26.22
N PHE A 69 -18.56 -5.13 25.88
CA PHE A 69 -18.56 -4.17 24.81
C PHE A 69 -19.59 -3.08 25.01
N LEU A 70 -19.75 -2.68 26.27
CA LEU A 70 -20.76 -1.67 26.58
C LEU A 70 -20.12 -0.35 26.91
N ALA A 71 -20.35 0.65 26.04
CA ALA A 71 -19.76 1.97 26.29
C ALA A 71 -20.37 2.58 27.56
N SER A 72 -19.70 3.59 28.09
CA SER A 72 -20.17 4.32 29.25
C SER A 72 -20.83 5.62 28.82
N ALA A 73 -20.35 6.15 27.70
CA ALA A 73 -20.85 7.38 27.11
C ALA A 73 -20.37 7.56 25.67
N ILE A 74 -21.23 8.11 24.83
CA ILE A 74 -20.87 8.32 23.43
C ILE A 74 -20.50 9.79 23.26
N VAL A 75 -19.45 10.23 22.60
CA VAL A 75 -19.19 11.67 22.57
C VAL A 75 -18.99 12.14 21.13
N ALA A 76 -19.80 13.06 20.59
CA ALA A 76 -19.63 13.61 19.31
C ALA A 76 -18.89 14.93 19.20
N PRO A 77 -17.61 14.84 18.83
CA PRO A 77 -16.79 16.02 18.55
C PRO A 77 -17.42 16.84 17.45
N ARG A 78 -17.31 18.15 17.64
CA ARG A 78 -17.83 19.09 16.66
C ARG A 78 -16.81 19.12 15.54
N ASN A 79 -15.54 18.96 15.87
CA ASN A 79 -14.50 19.09 14.86
C ASN A 79 -13.20 18.46 15.30
N VAL A 80 -12.10 18.70 14.57
CA VAL A 80 -10.81 18.17 15.04
C VAL A 80 -10.35 18.78 16.34
N ALA A 81 -10.43 20.04 16.67
CA ALA A 81 -10.00 20.56 17.96
C ALA A 81 -10.61 19.67 19.03
N ASP A 82 -11.94 19.55 18.91
CA ASP A 82 -12.70 18.80 19.89
C ASP A 82 -12.08 17.44 20.06
N VAL A 83 -11.73 16.68 19.02
CA VAL A 83 -11.02 15.43 19.21
C VAL A 83 -9.71 15.65 19.97
N GLN A 84 -8.93 16.69 19.80
CA GLN A 84 -7.72 16.85 20.59
C GLN A 84 -8.08 17.12 22.03
N SER A 85 -8.99 18.07 22.31
CA SER A 85 -9.38 18.31 23.70
C SER A 85 -9.75 16.98 24.38
N ILE A 86 -10.65 16.23 23.73
CA ILE A 86 -11.01 14.94 24.28
C ILE A 86 -9.81 14.04 24.49
N VAL A 87 -8.87 13.97 23.55
CA VAL A 87 -7.69 13.11 23.75
C VAL A 87 -6.99 13.54 25.02
N GLY A 88 -6.75 14.83 25.12
CA GLY A 88 -6.11 15.40 26.30
C GLY A 88 -6.82 14.89 27.55
N LEU A 89 -8.12 15.11 27.69
CA LEU A 89 -8.85 14.61 28.83
C LEU A 89 -8.76 13.11 29.05
N ALA A 90 -8.60 12.33 28.02
CA ALA A 90 -8.42 10.88 28.17
C ALA A 90 -7.03 10.66 28.76
N ASN A 91 -6.04 11.43 28.38
CA ASN A 91 -4.71 11.21 28.89
C ASN A 91 -4.66 11.74 30.31
N LYS A 92 -5.43 12.75 30.60
CA LYS A 92 -5.46 13.30 31.94
C LYS A 92 -6.06 12.25 32.82
N PHE A 93 -7.25 11.78 32.53
CA PHE A 93 -8.00 10.90 33.43
C PHE A 93 -7.76 9.43 33.17
N SER A 94 -7.05 9.11 32.10
CA SER A 94 -6.82 7.72 31.75
C SER A 94 -8.12 7.03 31.41
N PHE A 95 -8.90 7.68 30.57
CA PHE A 95 -10.22 7.16 30.17
C PHE A 95 -9.97 6.66 28.74
N PRO A 96 -10.31 5.45 28.40
CA PRO A 96 -10.19 4.90 27.09
C PRO A 96 -11.34 5.39 26.21
N LEU A 97 -10.97 5.64 24.97
CA LEU A 97 -11.86 6.09 23.93
C LEU A 97 -12.07 5.02 22.88
N TRP A 98 -13.23 5.00 22.25
CA TRP A 98 -13.47 4.08 21.13
C TRP A 98 -14.01 4.90 19.96
N PRO A 99 -13.07 5.35 19.12
CA PRO A 99 -13.40 6.18 17.98
C PRO A 99 -14.15 5.42 16.92
N ILE A 100 -15.30 5.92 16.49
CA ILE A 100 -16.02 5.29 15.37
C ILE A 100 -16.26 6.40 14.33
N SER A 101 -16.51 6.01 13.11
CA SER A 101 -16.91 6.84 11.99
C SER A 101 -18.44 6.76 11.86
N ILE A 102 -18.94 5.63 11.39
CA ILE A 102 -20.37 5.41 11.31
C ILE A 102 -20.84 4.31 12.25
N GLY A 103 -20.25 3.11 12.16
CA GLY A 103 -20.65 2.02 13.03
C GLY A 103 -21.94 1.32 12.60
N ARG A 104 -22.05 1.16 11.27
CA ARG A 104 -23.21 0.49 10.71
C ARG A 104 -22.94 -0.99 10.47
N ASN A 105 -21.70 -1.43 10.62
CA ASN A 105 -21.36 -2.81 10.34
C ASN A 105 -21.58 -3.80 11.49
N SER A 106 -22.85 -4.04 11.82
CA SER A 106 -23.21 -5.06 12.84
C SER A 106 -22.52 -6.28 12.29
N GLY A 107 -21.95 -7.24 12.97
CA GLY A 107 -21.32 -8.28 12.08
C GLY A 107 -19.81 -8.19 12.36
N TYR A 108 -19.40 -6.94 12.59
CA TYR A 108 -18.07 -6.67 13.10
C TYR A 108 -18.22 -5.96 14.43
N GLY A 109 -19.44 -6.05 14.98
CA GLY A 109 -19.78 -5.48 16.28
C GLY A 109 -20.20 -4.03 16.23
N GLY A 110 -20.28 -3.45 15.02
CA GLY A 110 -20.68 -2.08 14.84
C GLY A 110 -19.91 -1.11 15.73
N ALA A 111 -20.62 -0.16 16.37
CA ALA A 111 -19.92 0.82 17.18
C ALA A 111 -19.42 0.32 18.52
N ALA A 112 -19.99 -0.72 19.12
CA ALA A 112 -19.49 -1.16 20.43
C ALA A 112 -17.97 -1.10 20.61
N PRO A 113 -17.57 -0.66 21.78
CA PRO A 113 -16.15 -0.62 22.17
C PRO A 113 -15.69 -2.00 22.62
N ARG A 114 -14.43 -2.40 22.51
CA ARG A 114 -13.94 -3.72 22.89
C ARG A 114 -13.93 -3.91 24.40
N VAL A 115 -13.53 -2.88 25.16
CA VAL A 115 -13.52 -2.92 26.62
C VAL A 115 -14.61 -1.98 27.15
N SER A 116 -15.59 -2.56 27.83
CA SER A 116 -16.68 -1.75 28.39
C SER A 116 -16.19 -0.61 29.26
N GLY A 117 -16.97 0.46 29.38
CA GLY A 117 -16.60 1.62 30.17
C GLY A 117 -16.00 2.67 29.24
N SER A 118 -15.73 2.32 27.99
CA SER A 118 -15.04 3.18 27.04
C SER A 118 -15.95 4.35 26.67
N VAL A 119 -15.32 5.34 26.06
CA VAL A 119 -16.10 6.48 25.60
C VAL A 119 -16.23 6.29 24.09
N VAL A 120 -17.42 6.00 23.58
CA VAL A 120 -17.54 5.85 22.12
C VAL A 120 -17.39 7.24 21.53
N LEU A 121 -16.42 7.41 20.65
CA LEU A 121 -16.19 8.70 19.97
C LEU A 121 -16.86 8.63 18.59
N ASP A 122 -18.05 9.23 18.52
CA ASP A 122 -18.79 9.22 17.26
C ASP A 122 -18.26 10.41 16.48
N MET A 123 -17.38 10.16 15.52
CA MET A 123 -16.80 11.20 14.69
C MET A 123 -17.74 11.56 13.58
N GLY A 124 -18.52 10.59 13.12
CA GLY A 124 -19.49 10.78 12.06
C GLY A 124 -20.53 11.83 12.29
N LYS A 125 -21.20 11.87 13.43
CA LYS A 125 -22.28 12.81 13.67
C LYS A 125 -21.84 14.22 13.35
N ASN A 126 -20.72 14.80 13.76
CA ASN A 126 -20.46 16.17 13.29
C ASN A 126 -19.41 16.30 12.22
N MET A 127 -18.51 15.33 12.08
CA MET A 127 -17.40 15.43 11.13
C MET A 127 -17.76 14.73 9.85
N ASN A 128 -18.63 15.42 9.11
CA ASN A 128 -19.32 15.11 7.90
C ASN A 128 -18.86 15.49 6.51
N ARG A 129 -18.02 16.49 6.40
CA ARG A 129 -17.78 17.10 5.12
C ARG A 129 -17.07 16.35 4.03
N VAL A 130 -17.61 16.60 2.82
CA VAL A 130 -16.94 16.11 1.61
C VAL A 130 -16.01 17.30 1.45
N LEU A 131 -14.74 17.14 1.80
CA LEU A 131 -13.92 18.35 1.78
C LEU A 131 -13.52 18.78 0.38
N GLU A 132 -13.29 17.81 -0.50
CA GLU A 132 -12.78 18.18 -1.81
C GLU A 132 -13.10 17.12 -2.85
N VAL A 133 -13.47 17.47 -4.06
CA VAL A 133 -13.70 16.51 -5.11
C VAL A 133 -12.89 17.03 -6.30
N ASN A 134 -11.69 16.51 -6.49
CA ASN A 134 -10.83 17.04 -7.54
C ASN A 134 -10.90 16.25 -8.84
N VAL A 135 -11.38 16.90 -9.89
CA VAL A 135 -11.52 16.22 -11.16
C VAL A 135 -10.22 16.09 -11.92
N GLU A 136 -9.25 16.98 -11.77
CA GLU A 136 -8.11 16.77 -12.68
C GLU A 136 -7.32 15.58 -12.18
N GLY A 137 -7.34 15.42 -10.86
CA GLY A 137 -6.51 14.44 -10.17
C GLY A 137 -7.25 13.20 -9.75
N ALA A 138 -8.55 13.51 -9.95
CA ALA A 138 -9.52 12.39 -9.83
C ALA A 138 -9.43 11.80 -8.43
N TYR A 139 -9.71 12.65 -7.44
CA TYR A 139 -9.72 12.20 -6.04
C TYR A 139 -10.79 12.96 -5.28
N CYS A 140 -11.13 12.50 -4.09
CA CYS A 140 -12.04 13.15 -3.16
C CYS A 140 -11.40 13.08 -1.78
N VAL A 141 -11.62 14.02 -0.89
CA VAL A 141 -11.10 14.13 0.47
C VAL A 141 -12.34 14.30 1.38
N VAL A 142 -12.41 13.33 2.29
CA VAL A 142 -13.59 13.11 3.09
C VAL A 142 -13.43 13.01 4.59
N GLU A 143 -14.48 13.37 5.35
CA GLU A 143 -14.36 13.26 6.82
C GLU A 143 -15.00 11.98 7.27
N PRO A 144 -14.92 11.51 8.51
CA PRO A 144 -15.47 10.23 8.87
C PRO A 144 -16.95 10.14 8.61
N GLY A 145 -17.73 11.20 8.62
CA GLY A 145 -19.16 11.09 8.53
C GLY A 145 -19.63 10.79 7.12
N VAL A 146 -18.86 11.18 6.13
CA VAL A 146 -19.27 11.00 4.75
C VAL A 146 -19.53 9.54 4.39
N THR A 147 -20.80 9.18 4.43
CA THR A 147 -21.15 7.85 3.98
C THR A 147 -20.95 7.78 2.45
N TYR A 148 -21.21 6.62 1.89
CA TYR A 148 -21.18 6.38 0.46
C TYR A 148 -22.34 7.08 -0.22
N HIS A 149 -23.55 6.99 0.36
CA HIS A 149 -24.68 7.69 -0.25
C HIS A 149 -24.40 9.21 -0.27
N ASP A 150 -23.82 9.68 0.85
CA ASP A 150 -23.39 11.06 0.93
C ASP A 150 -22.43 11.39 -0.21
N LEU A 151 -21.28 10.77 -0.37
CA LEU A 151 -20.41 11.16 -1.49
C LEU A 151 -21.15 11.04 -2.82
N HIS A 152 -22.03 10.04 -3.01
CA HIS A 152 -22.84 10.02 -4.25
C HIS A 152 -23.69 11.31 -4.37
N ASN A 153 -24.61 11.58 -3.46
CA ASN A 153 -25.40 12.80 -3.51
C ASN A 153 -24.54 14.04 -3.74
N TYR A 154 -23.33 14.09 -3.16
CA TYR A 154 -22.43 15.21 -3.41
C TYR A 154 -22.14 15.22 -4.91
N LEU A 155 -21.63 14.10 -5.44
CA LEU A 155 -21.38 14.05 -6.86
C LEU A 155 -22.51 14.55 -7.75
N GLU A 156 -23.71 14.03 -7.58
CA GLU A 156 -24.82 14.40 -8.46
C GLU A 156 -25.18 15.87 -8.38
N ALA A 157 -25.29 16.46 -7.21
CA ALA A 157 -25.61 17.87 -7.06
C ALA A 157 -24.56 18.80 -7.62
N ASN A 158 -23.42 18.32 -8.11
CA ASN A 158 -22.35 19.11 -8.71
C ASN A 158 -22.07 18.57 -10.11
N ASN A 159 -23.01 17.79 -10.65
CA ASN A 159 -22.91 17.15 -11.94
C ASN A 159 -21.61 16.43 -12.21
N LEU A 160 -20.99 15.77 -11.25
CA LEU A 160 -19.71 15.09 -11.43
C LEU A 160 -19.92 13.60 -11.69
N ARG A 161 -21.20 13.23 -11.70
CA ARG A 161 -21.63 11.87 -11.92
C ARG A 161 -21.18 11.31 -13.25
N ASP A 162 -21.01 12.09 -14.30
CA ASP A 162 -20.61 11.53 -15.59
C ASP A 162 -19.12 11.78 -15.81
N LYS A 163 -18.43 12.19 -14.76
CA LYS A 163 -17.00 12.46 -14.86
C LYS A 163 -16.25 11.54 -13.90
N LEU A 164 -16.86 11.43 -12.72
CA LEU A 164 -16.19 10.66 -11.65
C LEU A 164 -17.07 9.59 -11.02
N TRP A 165 -16.48 8.42 -10.75
CA TRP A 165 -17.31 7.31 -10.24
C TRP A 165 -16.78 6.75 -8.92
N LEU A 166 -17.69 6.40 -8.02
CA LEU A 166 -17.44 5.83 -6.73
C LEU A 166 -17.19 4.34 -6.80
N ASP A 167 -16.93 3.74 -5.66
CA ASP A 167 -16.64 2.33 -5.50
C ASP A 167 -17.27 1.93 -4.17
N VAL A 168 -18.36 1.19 -4.16
CA VAL A 168 -19.10 0.97 -2.96
C VAL A 168 -19.07 -0.50 -2.56
N PRO A 169 -19.32 -0.65 -1.27
CA PRO A 169 -19.34 -1.97 -0.65
C PRO A 169 -20.79 -2.38 -0.75
N ASP A 170 -21.13 -3.63 -0.51
CA ASP A 170 -22.48 -4.14 -0.61
C ASP A 170 -23.50 -3.25 0.04
N LEU A 171 -23.19 -2.45 1.04
CA LEU A 171 -24.10 -1.50 1.60
C LEU A 171 -23.50 -0.07 1.58
N GLY A 172 -24.28 0.85 0.98
CA GLY A 172 -23.95 2.24 0.84
C GLY A 172 -24.05 3.12 2.05
N GLY A 173 -24.50 2.65 3.21
CA GLY A 173 -24.62 3.44 4.40
C GLY A 173 -23.36 3.50 5.24
N GLY A 174 -22.26 2.83 4.86
CA GLY A 174 -21.04 2.84 5.64
C GLY A 174 -20.24 4.08 5.38
N SER A 175 -19.20 4.36 6.14
CA SER A 175 -18.30 5.49 5.98
C SER A 175 -17.19 5.27 4.97
N VAL A 176 -17.03 6.13 3.98
CA VAL A 176 -16.01 6.06 2.95
C VAL A 176 -14.60 5.91 3.50
N LEU A 177 -14.29 6.56 4.62
CA LEU A 177 -12.98 6.48 5.23
C LEU A 177 -12.96 5.39 6.29
N GLY A 178 -14.09 5.24 6.98
CA GLY A 178 -14.09 4.16 7.99
C GLY A 178 -13.81 2.86 7.24
N ASN A 179 -14.60 2.56 6.21
CA ASN A 179 -14.42 1.34 5.45
C ASN A 179 -13.01 1.29 4.88
N ALA A 180 -12.47 2.37 4.36
CA ALA A 180 -11.15 2.39 3.77
C ALA A 180 -10.03 2.10 4.75
N VAL A 181 -10.07 2.66 5.96
CA VAL A 181 -9.03 2.33 6.95
C VAL A 181 -9.20 0.91 7.44
N GLU A 182 -10.43 0.37 7.46
CA GLU A 182 -10.69 -1.00 7.86
C GLU A 182 -10.39 -2.01 6.76
N ARG A 183 -9.92 -1.54 5.62
CA ARG A 183 -9.50 -2.36 4.51
C ARG A 183 -10.69 -3.04 3.83
N GLY A 184 -11.83 -2.36 3.69
CA GLY A 184 -13.01 -2.92 3.07
C GLY A 184 -12.82 -3.10 1.58
N VAL A 185 -13.59 -3.87 0.82
CA VAL A 185 -13.43 -4.07 -0.59
C VAL A 185 -14.75 -3.77 -1.31
N GLY A 186 -14.61 -3.36 -2.55
CA GLY A 186 -15.68 -2.95 -3.42
C GLY A 186 -15.69 -3.72 -4.73
N TYR A 187 -16.61 -3.37 -5.64
CA TYR A 187 -16.85 -4.15 -6.84
C TYR A 187 -16.57 -3.46 -8.18
N THR A 188 -15.75 -2.41 -8.24
CA THR A 188 -15.33 -1.74 -9.48
C THR A 188 -13.83 -1.93 -9.60
N PRO A 189 -13.12 -1.40 -10.59
CA PRO A 189 -11.68 -1.64 -10.69
C PRO A 189 -10.95 -1.08 -9.50
N TYR A 190 -11.57 -0.18 -8.72
CA TYR A 190 -11.04 0.49 -7.58
C TYR A 190 -11.63 -0.15 -6.34
N GLY A 191 -11.97 -1.42 -6.47
CA GLY A 191 -12.48 -2.12 -5.30
C GLY A 191 -11.49 -2.15 -4.15
N ASP A 192 -10.17 -2.21 -4.37
CA ASP A 192 -9.35 -2.30 -3.15
C ASP A 192 -9.31 -1.01 -2.41
N HIS A 193 -10.24 -0.69 -1.49
CA HIS A 193 -10.33 0.64 -0.96
C HIS A 193 -9.13 1.26 -0.27
N TRP A 194 -8.55 0.48 0.62
CA TRP A 194 -7.42 1.05 1.37
C TRP A 194 -6.32 1.31 0.34
N MET A 195 -6.10 0.53 -0.72
CA MET A 195 -5.10 0.84 -1.75
C MET A 195 -5.41 2.05 -2.61
N MET A 196 -6.50 2.75 -2.37
CA MET A 196 -6.93 3.90 -3.16
C MET A 196 -6.94 5.19 -2.35
N HIS A 197 -6.31 5.10 -1.16
CA HIS A 197 -6.28 6.31 -0.33
C HIS A 197 -4.94 6.97 -0.62
N SER A 198 -4.78 8.23 -0.37
CA SER A 198 -3.48 8.91 -0.39
C SER A 198 -3.94 10.21 0.28
N GLY A 199 -3.29 10.69 1.28
CA GLY A 199 -3.51 11.84 2.08
C GLY A 199 -4.16 11.47 3.36
N MET A 200 -3.59 11.13 4.51
CA MET A 200 -4.53 10.91 5.64
C MET A 200 -4.06 11.80 6.79
N GLU A 201 -5.07 12.32 7.48
CA GLU A 201 -4.92 13.20 8.63
C GLU A 201 -5.32 12.39 9.86
N VAL A 202 -4.51 12.43 10.90
CA VAL A 202 -4.66 11.62 12.10
C VAL A 202 -4.52 12.48 13.35
N VAL A 203 -5.23 12.16 14.42
CA VAL A 203 -5.01 12.79 15.71
C VAL A 203 -4.35 11.69 16.57
N LEU A 204 -3.03 11.72 16.77
CA LEU A 204 -2.47 10.58 17.53
C LEU A 204 -2.93 10.65 18.98
N ALA A 205 -2.55 9.61 19.74
CA ALA A 205 -2.93 9.56 21.15
C ALA A 205 -2.28 10.65 21.95
N ASN A 206 -1.16 11.25 21.53
CA ASN A 206 -0.50 12.31 22.32
C ASN A 206 -1.34 13.56 22.11
N GLY A 207 -2.25 13.59 21.12
CA GLY A 207 -3.09 14.76 20.87
C GLY A 207 -2.67 15.42 19.55
N GLU A 208 -1.41 15.16 19.23
CA GLU A 208 -0.90 15.80 18.02
C GLU A 208 -1.45 15.33 16.71
N LEU A 209 -1.63 16.28 15.81
CA LEU A 209 -2.19 16.04 14.48
C LEU A 209 -1.08 15.59 13.56
N LEU A 210 -1.24 14.68 12.63
CA LEU A 210 -0.16 14.22 11.73
C LEU A 210 -0.89 13.94 10.39
N ARG A 211 -0.44 14.34 9.22
CA ARG A 211 -1.07 14.01 7.95
C ARG A 211 0.07 13.16 7.28
N THR A 212 -0.25 12.12 6.53
CA THR A 212 0.82 11.32 6.01
C THR A 212 1.27 11.59 4.57
N GLY A 213 2.37 10.97 4.15
CA GLY A 213 2.95 10.98 2.83
C GLY A 213 3.16 12.43 2.47
N MET A 214 2.73 12.84 1.28
CA MET A 214 2.85 14.21 0.77
C MET A 214 1.98 15.19 1.52
N GLY A 215 1.17 14.70 2.47
CA GLY A 215 0.33 15.49 3.36
C GLY A 215 1.24 16.12 4.41
N ALA A 216 2.49 15.71 4.50
CA ALA A 216 3.52 16.20 5.38
C ALA A 216 4.26 17.37 4.74
N LEU A 217 4.25 17.41 3.42
CA LEU A 217 4.84 18.54 2.68
C LEU A 217 3.77 19.62 2.69
N PRO A 218 3.97 20.74 3.34
CA PRO A 218 2.98 21.76 3.49
C PRO A 218 2.74 22.71 2.33
N ASP A 219 1.45 23.07 2.15
CA ASP A 219 1.13 24.03 1.10
C ASP A 219 1.84 25.34 1.35
N PRO A 220 2.62 25.86 0.43
CA PRO A 220 3.27 27.15 0.51
C PRO A 220 2.32 28.20 1.06
N LYS A 221 2.72 29.03 2.00
CA LYS A 221 1.99 30.14 2.53
C LYS A 221 1.45 30.93 1.33
N ARG A 222 0.34 31.57 1.57
CA ARG A 222 -0.29 32.48 0.63
C ARG A 222 -1.34 33.23 1.44
N PRO A 223 -1.55 34.50 1.07
CA PRO A 223 -2.36 35.43 1.81
C PRO A 223 -3.65 34.89 2.39
N GLU A 224 -4.39 34.16 1.57
CA GLU A 224 -5.71 33.65 1.83
C GLU A 224 -5.82 32.42 2.73
N THR A 225 -4.70 31.79 3.10
CA THR A 225 -4.78 30.63 3.98
C THR A 225 -4.03 30.90 5.26
N MET A 226 -3.61 32.15 5.49
CA MET A 226 -2.87 32.43 6.71
C MET A 226 -3.73 32.29 7.94
N GLY A 227 -3.12 31.97 9.08
CA GLY A 227 -3.74 31.91 10.37
C GLY A 227 -4.76 30.85 10.66
N LEU A 228 -4.92 29.94 9.68
CA LEU A 228 -5.84 28.83 9.77
C LEU A 228 -5.22 27.79 10.70
N LYS A 229 -6.06 27.11 11.45
CA LYS A 229 -5.60 26.07 12.37
C LYS A 229 -5.03 24.98 11.49
N PRO A 230 -4.12 24.14 11.99
CA PRO A 230 -3.52 23.06 11.21
C PRO A 230 -4.59 22.18 10.60
N GLU A 231 -5.57 21.87 11.43
CA GLU A 231 -6.72 21.07 11.01
C GLU A 231 -7.37 21.62 9.74
N ASP A 232 -7.46 22.95 9.60
CA ASP A 232 -8.13 23.58 8.49
C ASP A 232 -7.28 24.08 7.32
N GLN A 233 -6.03 23.72 7.36
CA GLN A 233 -5.12 24.14 6.30
C GLN A 233 -5.38 23.28 5.09
N PRO A 234 -5.13 23.85 3.91
CA PRO A 234 -5.25 23.10 2.69
C PRO A 234 -4.08 22.12 2.67
N TRP A 235 -4.05 21.27 1.62
CA TRP A 235 -2.94 20.33 1.53
C TRP A 235 -2.08 20.64 0.33
N SER A 236 -0.87 20.14 0.24
CA SER A 236 -0.03 20.45 -0.91
C SER A 236 -0.58 19.73 -2.13
N LYS A 237 -0.05 20.09 -3.28
CA LYS A 237 -0.60 19.60 -4.55
C LYS A 237 -0.50 18.09 -4.70
N ILE A 238 0.67 17.51 -4.42
CA ILE A 238 0.74 16.06 -4.60
C ILE A 238 0.18 15.26 -3.45
N ALA A 239 -0.38 15.82 -2.39
CA ALA A 239 -0.95 15.18 -1.23
C ALA A 239 -1.94 14.04 -1.47
N HIS A 240 -2.74 14.16 -2.52
CA HIS A 240 -3.76 13.16 -2.82
C HIS A 240 -3.49 12.56 -4.19
N LEU A 241 -2.22 12.65 -4.60
CA LEU A 241 -1.90 12.07 -5.91
C LEU A 241 -0.81 11.04 -5.73
N PHE A 242 0.01 11.21 -4.72
CA PHE A 242 1.08 10.24 -4.41
C PHE A 242 0.99 9.99 -2.90
N PRO A 243 0.77 8.72 -2.57
CA PRO A 243 0.69 8.28 -1.19
C PRO A 243 1.97 8.22 -0.39
N TYR A 244 3.05 7.73 -1.01
CA TYR A 244 4.27 7.61 -0.23
C TYR A 244 4.92 8.85 0.35
N GLY A 245 4.89 10.16 0.12
CA GLY A 245 5.87 11.04 0.68
C GLY A 245 7.32 10.53 0.47
N PHE A 246 8.10 10.72 1.53
CA PHE A 246 9.50 10.42 1.70
C PHE A 246 9.75 9.74 3.06
N GLY A 247 10.65 8.77 3.12
CA GLY A 247 10.96 8.06 4.35
C GLY A 247 10.02 6.88 4.59
N PRO A 248 9.93 6.48 5.86
CA PRO A 248 9.01 5.47 6.32
C PRO A 248 7.57 5.83 5.91
N TYR A 249 6.90 4.97 5.20
CA TYR A 249 5.50 5.10 4.80
C TYR A 249 4.58 4.54 5.89
N ILE A 250 4.36 5.27 6.94
CA ILE A 250 3.61 4.95 8.13
C ILE A 250 2.10 4.73 7.98
N ASP A 251 1.50 5.05 6.86
CA ASP A 251 0.08 4.99 6.64
C ASP A 251 -0.65 3.80 7.17
N GLY A 252 -0.25 2.60 6.85
CA GLY A 252 -0.86 1.36 7.30
C GLY A 252 -0.86 1.09 8.79
N LEU A 253 -0.10 1.89 9.60
CA LEU A 253 -0.11 1.68 11.01
C LEU A 253 -1.52 2.12 11.45
N PHE A 254 -2.16 3.01 10.70
CA PHE A 254 -3.51 3.43 11.01
C PHE A 254 -4.51 2.53 10.31
N SER A 255 -4.20 1.36 9.69
CA SER A 255 -5.29 0.47 9.26
C SER A 255 -5.63 -0.58 10.32
N GLN A 256 -6.93 -0.73 10.63
CA GLN A 256 -7.35 -1.72 11.61
C GLN A 256 -6.46 -1.76 12.84
N SER A 257 -6.18 -0.56 13.35
CA SER A 257 -5.28 -0.53 14.51
C SER A 257 -5.77 0.55 15.45
N ASN A 258 -5.08 0.70 16.59
CA ASN A 258 -5.48 1.69 17.59
C ASN A 258 -4.40 2.75 17.71
N MET A 259 -3.55 2.80 16.69
CA MET A 259 -2.44 3.76 16.64
C MET A 259 -2.86 5.20 16.42
N GLY A 260 -4.04 5.62 16.05
CA GLY A 260 -4.37 7.05 15.93
C GLY A 260 -5.86 7.20 15.66
N ILE A 261 -6.42 8.41 15.77
CA ILE A 261 -7.79 8.66 15.37
C ILE A 261 -7.86 9.29 13.99
N VAL A 262 -8.35 8.52 13.00
CA VAL A 262 -8.36 9.05 11.59
C VAL A 262 -9.42 10.12 11.37
N THR A 263 -9.08 11.36 11.07
CA THR A 263 -9.96 12.48 10.86
C THR A 263 -10.32 12.85 9.43
N LYS A 264 -9.39 12.63 8.53
CA LYS A 264 -9.54 13.01 7.12
C LYS A 264 -8.74 11.99 6.28
N ILE A 265 -9.25 11.77 5.05
CA ILE A 265 -8.49 10.88 4.18
C ILE A 265 -8.83 11.18 2.72
N GLY A 266 -7.82 11.00 1.89
CA GLY A 266 -8.03 11.20 0.47
C GLY A 266 -8.21 9.83 -0.19
N ILE A 267 -9.25 9.67 -1.00
CA ILE A 267 -9.58 8.44 -1.67
C ILE A 267 -9.62 8.76 -3.18
N TRP A 268 -8.95 7.98 -3.98
CA TRP A 268 -8.89 8.17 -5.41
C TRP A 268 -10.23 7.89 -6.04
N LEU A 269 -10.71 8.60 -7.07
CA LEU A 269 -11.96 8.21 -7.71
C LEU A 269 -11.81 7.72 -9.13
N MET A 270 -12.73 6.87 -9.60
CA MET A 270 -12.53 6.38 -10.97
C MET A 270 -13.19 7.20 -12.05
N PRO A 271 -12.41 7.72 -12.97
CA PRO A 271 -12.93 8.52 -14.07
C PRO A 271 -13.88 7.75 -14.97
N ASN A 272 -15.15 8.11 -15.01
CA ASN A 272 -16.06 7.41 -15.94
C ASN A 272 -15.29 6.80 -17.13
N PRO A 273 -15.47 5.51 -17.33
CA PRO A 273 -14.74 4.77 -18.34
C PRO A 273 -15.29 4.75 -19.76
N GLY A 274 -16.47 5.35 -19.94
CA GLY A 274 -17.08 5.44 -21.27
C GLY A 274 -17.30 4.04 -21.82
N GLY A 275 -18.14 3.32 -21.08
CA GLY A 275 -18.54 1.96 -21.41
C GLY A 275 -18.71 1.08 -20.20
N TYR A 276 -19.89 0.50 -20.02
CA TYR A 276 -20.12 -0.35 -18.86
C TYR A 276 -21.15 -1.42 -19.13
N GLN A 277 -20.77 -2.68 -18.90
CA GLN A 277 -21.71 -3.80 -19.02
C GLN A 277 -21.54 -4.69 -17.79
N SER A 278 -22.61 -4.91 -17.05
CA SER A 278 -22.56 -5.78 -15.88
C SER A 278 -23.23 -7.09 -16.28
N TYR A 279 -22.84 -8.25 -15.73
CA TYR A 279 -23.44 -9.51 -16.16
C TYR A 279 -23.55 -10.52 -15.03
N LEU A 280 -24.22 -11.63 -15.32
CA LEU A 280 -24.43 -12.73 -14.41
C LEU A 280 -24.20 -14.11 -15.02
N ILE A 281 -23.28 -14.92 -14.55
CA ILE A 281 -23.05 -16.24 -15.08
C ILE A 281 -23.53 -17.23 -14.02
N THR A 282 -24.44 -18.15 -14.32
CA THR A 282 -24.91 -19.02 -13.24
C THR A 282 -24.23 -20.37 -13.35
N LEU A 283 -23.83 -20.91 -12.23
CA LEU A 283 -23.15 -22.24 -12.21
C LEU A 283 -24.17 -23.22 -11.62
N PRO A 284 -24.56 -24.27 -12.34
CA PRO A 284 -25.64 -25.12 -11.93
C PRO A 284 -25.38 -25.94 -10.68
N LYS A 285 -24.26 -26.68 -10.66
CA LYS A 285 -24.04 -27.52 -9.50
C LYS A 285 -23.22 -26.86 -8.39
N ASP A 286 -23.50 -27.40 -7.18
CA ASP A 286 -22.73 -27.04 -5.99
C ASP A 286 -21.26 -27.37 -6.16
N GLY A 287 -20.71 -28.13 -7.06
CA GLY A 287 -19.31 -28.41 -7.20
C GLY A 287 -18.73 -27.70 -8.41
N ASP A 288 -19.58 -26.82 -8.98
CA ASP A 288 -19.13 -26.03 -10.14
C ASP A 288 -18.19 -24.93 -9.66
N LEU A 289 -18.23 -24.62 -8.37
CA LEU A 289 -17.32 -23.68 -7.77
C LEU A 289 -15.86 -24.02 -8.09
N LYS A 290 -15.43 -25.28 -8.09
CA LYS A 290 -14.06 -25.62 -8.36
C LYS A 290 -13.60 -25.26 -9.77
N GLN A 291 -14.40 -25.64 -10.77
CA GLN A 291 -13.96 -25.28 -12.13
C GLN A 291 -14.07 -23.77 -12.26
N ALA A 292 -15.21 -23.19 -11.79
CA ALA A 292 -15.34 -21.74 -11.90
C ALA A 292 -14.12 -21.01 -11.34
N VAL A 293 -13.72 -21.34 -10.11
CA VAL A 293 -12.54 -20.68 -9.55
C VAL A 293 -11.29 -21.01 -10.34
N ASP A 294 -11.13 -22.24 -10.90
CA ASP A 294 -9.91 -22.36 -11.74
C ASP A 294 -9.98 -21.45 -12.97
N ILE A 295 -11.15 -21.19 -13.52
CA ILE A 295 -11.44 -20.37 -14.68
C ILE A 295 -11.14 -18.92 -14.34
N ILE A 296 -11.65 -18.47 -13.19
CA ILE A 296 -11.38 -17.08 -12.77
C ILE A 296 -9.91 -16.72 -12.62
N ARG A 297 -9.09 -17.59 -12.08
CA ARG A 297 -7.69 -17.42 -11.87
C ARG A 297 -6.99 -16.68 -12.99
N PRO A 298 -6.73 -17.30 -14.13
CA PRO A 298 -6.03 -16.65 -15.23
C PRO A 298 -6.68 -15.38 -15.71
N LEU A 299 -8.01 -15.28 -15.81
CA LEU A 299 -8.67 -14.08 -16.29
C LEU A 299 -8.58 -12.87 -15.36
N ARG A 300 -8.51 -13.17 -14.06
CA ARG A 300 -8.34 -12.15 -13.05
C ARG A 300 -6.90 -11.66 -13.14
N LEU A 301 -5.92 -12.56 -13.11
CA LEU A 301 -4.54 -12.15 -13.21
C LEU A 301 -4.29 -11.49 -14.55
N GLY A 302 -4.91 -11.88 -15.63
CA GLY A 302 -4.57 -11.37 -16.95
C GLY A 302 -5.33 -10.10 -17.31
N MET A 303 -6.09 -9.61 -16.34
CA MET A 303 -6.84 -8.39 -16.53
C MET A 303 -7.89 -8.56 -17.59
N ALA A 304 -8.66 -9.66 -17.56
CA ALA A 304 -9.77 -9.78 -18.50
C ALA A 304 -11.00 -9.40 -17.64
N LEU A 305 -10.78 -9.72 -16.36
CA LEU A 305 -11.66 -9.50 -15.24
C LEU A 305 -11.21 -8.19 -14.57
N GLN A 306 -11.88 -7.14 -15.02
CA GLN A 306 -11.70 -5.77 -14.70
C GLN A 306 -11.93 -5.40 -13.26
N ASN A 307 -13.09 -5.68 -12.69
CA ASN A 307 -13.38 -5.24 -11.32
C ASN A 307 -13.13 -6.36 -10.32
N VAL A 308 -13.68 -6.20 -9.10
CA VAL A 308 -13.57 -7.36 -8.23
C VAL A 308 -14.85 -8.13 -8.55
N PRO A 309 -14.77 -9.29 -9.14
CA PRO A 309 -15.96 -10.09 -9.40
C PRO A 309 -16.40 -10.85 -8.18
N THR A 310 -17.66 -11.25 -8.05
CA THR A 310 -18.13 -12.01 -6.91
C THR A 310 -18.80 -13.33 -7.27
N ILE A 311 -18.50 -14.35 -6.46
CA ILE A 311 -19.09 -15.68 -6.66
C ILE A 311 -20.10 -15.85 -5.53
N ARG A 312 -21.41 -15.70 -5.71
CA ARG A 312 -22.27 -15.83 -4.52
C ARG A 312 -22.94 -17.18 -4.35
N HIS A 313 -23.19 -17.62 -3.13
CA HIS A 313 -23.91 -18.88 -2.89
C HIS A 313 -25.40 -18.57 -3.04
N ILE A 314 -26.16 -19.52 -3.54
CA ILE A 314 -27.58 -19.36 -3.77
C ILE A 314 -28.38 -18.73 -2.66
N LEU A 315 -28.23 -19.12 -1.41
CA LEU A 315 -28.96 -18.48 -0.34
C LEU A 315 -28.59 -17.01 -0.21
N LEU A 316 -27.47 -16.52 -0.75
CA LEU A 316 -27.20 -15.09 -0.53
C LEU A 316 -28.22 -14.31 -1.34
N ASP A 317 -28.25 -14.58 -2.64
CA ASP A 317 -29.27 -14.05 -3.53
C ASP A 317 -30.65 -14.49 -3.02
N ALA A 318 -30.79 -15.71 -2.51
CA ALA A 318 -32.11 -16.13 -2.06
C ALA A 318 -32.63 -15.17 -1.00
N ALA A 319 -31.70 -14.91 -0.09
CA ALA A 319 -31.90 -14.09 1.08
C ALA A 319 -32.31 -12.67 0.77
N VAL A 320 -31.57 -12.06 -0.14
CA VAL A 320 -31.90 -10.72 -0.60
C VAL A 320 -33.37 -10.65 -0.96
N LEU A 321 -33.82 -11.60 -1.75
CA LEU A 321 -35.21 -11.69 -2.17
C LEU A 321 -36.20 -12.13 -1.11
N GLY A 322 -35.87 -12.95 -0.12
CA GLY A 322 -36.89 -13.36 0.85
C GLY A 322 -36.34 -14.02 2.08
N ASP A 323 -37.13 -14.03 3.16
CA ASP A 323 -36.68 -14.61 4.42
C ASP A 323 -36.61 -16.13 4.31
N LYS A 324 -36.27 -16.85 5.37
CA LYS A 324 -36.19 -18.30 5.20
C LYS A 324 -37.57 -18.95 5.22
N ARG A 325 -38.52 -18.43 6.01
CA ARG A 325 -39.86 -19.03 6.05
C ARG A 325 -40.50 -18.96 4.67
N SER A 326 -40.13 -17.97 3.86
CA SER A 326 -40.61 -17.79 2.51
C SER A 326 -40.08 -18.82 1.52
N TYR A 327 -39.22 -19.74 1.94
CA TYR A 327 -38.72 -20.78 1.06
C TYR A 327 -38.91 -22.16 1.72
N SER A 328 -39.18 -22.15 3.03
CA SER A 328 -39.31 -23.43 3.72
C SER A 328 -39.90 -23.29 5.12
N SER A 329 -40.42 -24.38 5.67
CA SER A 329 -40.95 -24.37 7.03
C SER A 329 -39.86 -24.89 7.97
N ARG A 330 -39.03 -25.77 7.42
CA ARG A 330 -37.94 -26.39 8.15
C ARG A 330 -37.20 -25.42 9.07
N THR A 331 -36.98 -25.82 10.32
CA THR A 331 -36.29 -24.95 11.28
C THR A 331 -34.79 -25.24 11.18
N GLU A 332 -34.48 -26.48 10.83
CA GLU A 332 -33.09 -26.88 10.67
C GLU A 332 -32.64 -26.36 9.31
N PRO A 333 -31.37 -26.55 8.98
CA PRO A 333 -30.78 -26.09 7.74
C PRO A 333 -31.28 -26.76 6.47
N LEU A 334 -31.68 -25.96 5.49
CA LEU A 334 -32.15 -26.45 4.19
C LEU A 334 -31.21 -27.49 3.57
N SER A 335 -31.74 -28.48 2.87
CA SER A 335 -30.95 -29.56 2.31
C SER A 335 -30.38 -29.27 0.93
N ASP A 336 -29.50 -30.17 0.49
CA ASP A 336 -28.90 -30.07 -0.84
C ASP A 336 -30.01 -30.03 -1.87
N GLU A 337 -30.97 -30.95 -1.79
CA GLU A 337 -32.09 -30.93 -2.73
C GLU A 337 -32.81 -29.57 -2.69
N GLU A 338 -33.22 -29.12 -1.50
CA GLU A 338 -33.91 -27.85 -1.39
C GLU A 338 -33.16 -26.71 -2.05
N LEU A 339 -31.86 -26.59 -1.79
CA LEU A 339 -31.07 -25.54 -2.44
C LEU A 339 -31.22 -25.63 -3.95
N ASP A 340 -30.99 -26.81 -4.55
CA ASP A 340 -31.24 -27.01 -5.97
C ASP A 340 -32.59 -26.46 -6.37
N LYS A 341 -33.64 -26.86 -5.64
CA LYS A 341 -34.97 -26.37 -5.94
C LYS A 341 -34.96 -24.85 -5.92
N ILE A 342 -34.45 -24.20 -4.88
CA ILE A 342 -34.49 -22.74 -4.85
C ILE A 342 -33.81 -22.12 -6.06
N ALA A 343 -32.64 -22.59 -6.44
CA ALA A 343 -31.92 -22.17 -7.63
C ALA A 343 -32.85 -22.10 -8.84
N LYS A 344 -33.51 -23.22 -9.13
CA LYS A 344 -34.48 -23.32 -10.20
C LYS A 344 -35.54 -22.22 -10.10
N GLN A 345 -36.23 -22.15 -8.97
CA GLN A 345 -37.26 -21.18 -8.70
C GLN A 345 -36.85 -19.76 -9.06
N LEU A 346 -35.61 -19.40 -8.74
CA LEU A 346 -35.07 -18.09 -9.02
C LEU A 346 -34.34 -17.95 -10.35
N ASN A 347 -34.15 -19.05 -11.08
CA ASN A 347 -33.47 -19.02 -12.36
C ASN A 347 -31.98 -18.77 -12.16
N LEU A 348 -31.51 -19.16 -10.96
CA LEU A 348 -30.10 -18.95 -10.67
C LEU A 348 -29.39 -20.28 -10.65
N GLY A 349 -28.09 -20.15 -10.44
CA GLY A 349 -27.28 -21.35 -10.21
C GLY A 349 -27.25 -21.64 -8.69
N ARG A 350 -26.38 -22.62 -8.43
CA ARG A 350 -26.12 -23.07 -7.05
C ARG A 350 -25.11 -22.08 -6.46
N TRP A 351 -24.21 -21.62 -7.31
CA TRP A 351 -23.20 -20.60 -7.15
C TRP A 351 -23.49 -19.51 -8.17
N ASN A 352 -23.11 -18.26 -8.03
CA ASN A 352 -23.46 -17.20 -8.96
C ASN A 352 -22.40 -16.10 -9.14
N PHE A 353 -21.73 -16.04 -10.29
CA PHE A 353 -20.71 -15.08 -10.60
C PHE A 353 -21.26 -13.76 -11.11
N TYR A 354 -20.86 -12.64 -10.55
CA TYR A 354 -21.30 -11.31 -10.92
C TYR A 354 -20.04 -10.53 -11.26
N GLY A 355 -20.00 -9.80 -12.35
CA GLY A 355 -18.81 -9.06 -12.77
C GLY A 355 -19.31 -7.88 -13.63
N ALA A 356 -18.38 -7.31 -14.40
CA ALA A 356 -18.73 -6.19 -15.26
C ALA A 356 -17.48 -5.77 -16.05
N LEU A 357 -17.76 -5.27 -17.24
CA LEU A 357 -16.88 -4.83 -18.30
C LEU A 357 -16.78 -3.32 -18.31
N TYR A 358 -15.59 -2.75 -18.29
CA TYR A 358 -15.54 -1.27 -18.35
C TYR A 358 -14.86 -0.75 -19.60
N GLY A 359 -15.38 0.31 -20.23
CA GLY A 359 -14.78 0.91 -21.38
C GLY A 359 -15.40 0.81 -22.75
N PRO A 360 -14.68 1.41 -23.69
CA PRO A 360 -15.17 1.49 -25.06
C PRO A 360 -15.61 0.10 -25.50
N GLU A 361 -16.69 0.01 -26.28
CA GLU A 361 -17.32 -1.22 -26.76
C GLU A 361 -16.38 -2.17 -27.44
N PRO A 362 -15.58 -1.77 -28.42
CA PRO A 362 -14.61 -2.66 -29.03
C PRO A 362 -13.88 -3.47 -27.97
N ILE A 363 -13.37 -2.88 -26.88
CA ILE A 363 -12.66 -3.65 -25.85
C ILE A 363 -13.58 -4.49 -24.97
N ARG A 364 -14.68 -3.98 -24.42
CA ARG A 364 -15.64 -4.81 -23.72
C ARG A 364 -15.91 -6.12 -24.46
N ARG A 365 -16.35 -5.97 -25.71
CA ARG A 365 -16.61 -7.06 -26.63
C ARG A 365 -15.51 -8.10 -26.60
N VAL A 366 -14.23 -7.81 -26.85
CA VAL A 366 -13.23 -8.86 -26.82
C VAL A 366 -13.15 -9.54 -25.46
N LEU A 367 -13.17 -8.74 -24.39
CA LEU A 367 -13.13 -9.34 -23.06
C LEU A 367 -14.32 -10.26 -22.87
N TRP A 368 -15.50 -9.73 -23.16
CA TRP A 368 -16.74 -10.49 -23.01
C TRP A 368 -16.77 -11.78 -23.84
N GLU A 369 -16.23 -11.78 -25.05
CA GLU A 369 -16.14 -13.06 -25.76
C GLU A 369 -15.17 -13.94 -24.96
N THR A 370 -14.06 -13.42 -24.48
CA THR A 370 -13.13 -14.23 -23.71
C THR A 370 -13.80 -14.87 -22.50
N ILE A 371 -14.48 -14.07 -21.70
CA ILE A 371 -15.13 -14.57 -20.49
C ILE A 371 -16.12 -15.68 -20.81
N LYS A 372 -17.20 -15.40 -21.54
CA LYS A 372 -18.17 -16.44 -21.93
C LYS A 372 -17.47 -17.73 -22.37
N ASP A 373 -16.61 -17.63 -23.35
CA ASP A 373 -15.81 -18.70 -23.92
C ASP A 373 -15.26 -19.67 -22.88
N ALA A 374 -14.55 -19.12 -21.91
CA ALA A 374 -13.96 -19.85 -20.80
C ALA A 374 -15.00 -20.54 -19.94
N PHE A 375 -15.96 -19.77 -19.43
CA PHE A 375 -17.05 -20.30 -18.62
C PHE A 375 -17.92 -21.30 -19.35
N SER A 376 -17.96 -21.34 -20.67
CA SER A 376 -18.74 -22.30 -21.42
C SER A 376 -18.30 -23.74 -21.25
N ALA A 377 -17.16 -24.00 -20.61
CA ALA A 377 -16.66 -25.32 -20.33
C ALA A 377 -17.27 -25.86 -19.05
N ILE A 378 -18.27 -25.16 -18.51
CA ILE A 378 -19.03 -25.61 -17.36
C ILE A 378 -20.44 -25.96 -17.84
N PRO A 379 -20.78 -27.23 -17.72
CA PRO A 379 -22.08 -27.69 -18.16
C PRO A 379 -23.18 -26.86 -17.55
N GLY A 380 -24.24 -26.65 -18.32
CA GLY A 380 -25.39 -25.86 -17.94
C GLY A 380 -25.11 -24.44 -17.52
N VAL A 381 -24.02 -23.83 -17.96
CA VAL A 381 -23.69 -22.44 -17.55
C VAL A 381 -24.62 -21.46 -18.25
N LYS A 382 -25.16 -20.40 -17.68
CA LYS A 382 -26.06 -19.50 -18.40
C LYS A 382 -25.73 -18.05 -18.11
N PHE A 383 -25.43 -17.28 -19.14
CA PHE A 383 -25.04 -15.89 -19.07
C PHE A 383 -26.19 -14.91 -19.23
N TYR A 384 -26.40 -13.94 -18.35
CA TYR A 384 -27.46 -12.96 -18.39
C TYR A 384 -27.06 -11.50 -18.08
N PHE A 385 -27.55 -10.54 -18.87
CA PHE A 385 -27.36 -9.15 -18.53
C PHE A 385 -28.59 -8.72 -17.74
N PRO A 386 -28.54 -7.54 -17.16
CA PRO A 386 -29.61 -7.06 -16.30
C PRO A 386 -30.97 -7.22 -16.92
N GLU A 387 -31.20 -6.60 -18.05
CA GLU A 387 -32.41 -6.68 -18.83
C GLU A 387 -33.03 -8.07 -18.86
N ASP A 388 -32.24 -9.10 -19.13
CA ASP A 388 -32.58 -10.50 -19.17
C ASP A 388 -33.06 -11.16 -17.88
N THR A 389 -33.12 -10.47 -16.76
CA THR A 389 -33.52 -10.98 -15.48
C THR A 389 -34.69 -10.18 -14.88
N PRO A 390 -35.47 -10.82 -14.02
CA PRO A 390 -36.60 -10.24 -13.35
C PRO A 390 -36.36 -8.88 -12.74
N GLU A 391 -37.42 -8.13 -12.47
CA GLU A 391 -37.33 -6.78 -11.93
C GLU A 391 -36.67 -6.72 -10.56
N ASN A 392 -36.92 -7.67 -9.67
CA ASN A 392 -36.37 -7.76 -8.33
C ASN A 392 -34.99 -8.40 -8.18
N SER A 393 -34.50 -8.99 -9.27
CA SER A 393 -33.25 -9.69 -9.33
C SER A 393 -32.05 -8.96 -8.72
N VAL A 394 -31.14 -9.77 -8.21
CA VAL A 394 -29.90 -9.26 -7.62
C VAL A 394 -29.03 -8.59 -8.68
N LEU A 395 -28.95 -9.14 -9.90
CA LEU A 395 -28.15 -8.55 -10.95
C LEU A 395 -28.50 -7.10 -11.20
N ARG A 396 -29.78 -6.76 -11.23
CA ARG A 396 -30.25 -5.40 -11.44
C ARG A 396 -29.80 -4.54 -10.26
N VAL A 397 -29.72 -5.12 -9.08
CA VAL A 397 -29.24 -4.40 -7.91
C VAL A 397 -27.72 -4.24 -8.05
N ARG A 398 -27.01 -5.34 -8.33
CA ARG A 398 -25.57 -5.25 -8.45
C ARG A 398 -25.11 -4.52 -9.70
N ASP A 399 -25.95 -4.32 -10.71
CA ASP A 399 -25.55 -3.54 -11.88
C ASP A 399 -25.25 -2.11 -11.43
N LYS A 400 -26.00 -1.59 -10.46
CA LYS A 400 -25.72 -0.30 -9.86
C LYS A 400 -24.47 -0.34 -8.95
N THR A 401 -24.25 -1.44 -8.25
CA THR A 401 -23.17 -1.58 -7.32
C THR A 401 -21.91 -1.57 -8.13
N MET A 402 -21.81 -2.35 -9.20
CA MET A 402 -20.52 -2.30 -9.92
C MET A 402 -20.20 -1.05 -10.68
N GLN A 403 -21.04 -0.03 -10.60
CA GLN A 403 -20.78 1.22 -11.30
C GLN A 403 -20.68 2.34 -10.29
N GLY A 404 -20.50 2.01 -9.01
CA GLY A 404 -20.29 3.01 -7.99
C GLY A 404 -21.57 3.63 -7.45
N ILE A 405 -22.72 3.11 -7.85
CA ILE A 405 -23.96 3.62 -7.30
C ILE A 405 -24.32 2.78 -6.09
N PRO A 406 -24.42 3.40 -4.94
CA PRO A 406 -24.77 2.73 -3.70
C PRO A 406 -26.26 2.52 -3.51
N THR A 407 -26.64 1.45 -2.80
CA THR A 407 -28.01 1.06 -2.55
C THR A 407 -28.35 0.56 -1.15
N TYR A 408 -29.64 0.41 -0.84
CA TYR A 408 -30.07 -0.12 0.47
C TYR A 408 -30.60 -1.55 0.37
N ASP A 409 -30.78 -2.05 -0.85
CA ASP A 409 -31.31 -3.35 -1.23
C ASP A 409 -30.80 -4.57 -0.48
N GLU A 410 -29.56 -4.98 -0.76
CA GLU A 410 -28.92 -6.15 -0.20
C GLU A 410 -28.97 -6.42 1.30
N LEU A 411 -29.44 -5.52 2.14
CA LEU A 411 -29.61 -5.66 3.57
C LEU A 411 -30.72 -6.64 3.94
N LYS A 412 -31.64 -6.87 2.99
CA LYS A 412 -32.75 -7.78 3.14
C LYS A 412 -32.34 -9.12 3.72
N TRP A 413 -31.16 -9.62 3.38
CA TRP A 413 -30.68 -10.92 3.83
C TRP A 413 -30.37 -10.97 5.31
N ILE A 414 -30.04 -9.86 5.96
CA ILE A 414 -29.81 -9.96 7.41
C ILE A 414 -31.03 -10.61 8.05
N ASP A 415 -32.26 -10.36 7.63
CA ASP A 415 -33.48 -10.97 8.10
C ASP A 415 -33.73 -12.43 7.70
N TRP A 416 -32.73 -13.21 7.33
CA TRP A 416 -32.93 -14.60 7.00
C TRP A 416 -33.78 -15.26 8.09
N LEU A 417 -33.39 -15.13 9.36
CA LEU A 417 -34.13 -15.61 10.50
C LEU A 417 -34.82 -14.44 11.22
N PRO A 418 -35.90 -14.73 11.94
CA PRO A 418 -36.69 -13.74 12.60
C PRO A 418 -35.99 -12.65 13.38
N ASN A 419 -35.23 -13.00 14.41
CA ASN A 419 -34.55 -11.98 15.20
C ASN A 419 -33.07 -12.09 14.89
N GLY A 420 -32.83 -12.19 13.59
CA GLY A 420 -31.49 -12.41 13.10
C GLY A 420 -30.61 -11.21 13.41
N ALA A 421 -29.40 -11.62 13.61
CA ALA A 421 -28.23 -10.78 13.82
C ALA A 421 -27.26 -11.58 12.94
N HIS A 422 -26.08 -11.02 12.70
CA HIS A 422 -25.18 -11.84 11.87
C HIS A 422 -23.76 -11.52 12.24
N LEU A 423 -22.85 -12.37 11.86
CA LEU A 423 -21.45 -12.13 12.19
C LEU A 423 -20.74 -12.59 10.93
N PHE A 424 -19.59 -12.04 10.62
CA PHE A 424 -18.90 -12.49 9.44
C PHE A 424 -17.71 -13.35 9.82
N PHE A 425 -17.66 -14.51 9.20
CA PHE A 425 -16.44 -15.31 9.47
C PHE A 425 -15.65 -15.04 8.18
N SER A 426 -14.54 -14.33 8.19
CA SER A 426 -13.86 -14.02 6.94
C SER A 426 -12.48 -14.58 6.66
N PRO A 427 -12.33 -15.80 6.12
CA PRO A 427 -11.06 -16.33 5.75
C PRO A 427 -10.63 -15.81 4.38
N ILE A 428 -9.36 -15.97 4.04
CA ILE A 428 -8.90 -15.62 2.70
C ILE A 428 -8.62 -16.98 2.06
N ALA A 429 -8.67 -17.12 0.76
CA ALA A 429 -8.39 -18.45 0.18
C ALA A 429 -7.68 -18.24 -1.14
N LYS A 430 -6.84 -19.15 -1.62
CA LYS A 430 -6.17 -18.87 -2.88
C LYS A 430 -7.21 -18.78 -4.00
N VAL A 431 -6.78 -18.31 -5.18
CA VAL A 431 -7.74 -18.32 -6.28
C VAL A 431 -7.36 -19.62 -7.02
N SER A 432 -7.77 -20.71 -6.40
CA SER A 432 -7.64 -22.07 -6.85
C SER A 432 -8.90 -22.78 -6.38
N GLY A 433 -9.54 -23.51 -7.28
CA GLY A 433 -10.80 -24.24 -7.06
C GLY A 433 -10.57 -25.24 -5.94
N GLU A 434 -9.44 -25.95 -6.07
CA GLU A 434 -9.01 -26.92 -5.07
C GLU A 434 -9.17 -26.27 -3.70
N ASP A 435 -8.43 -25.16 -3.55
CA ASP A 435 -8.47 -24.48 -2.27
C ASP A 435 -9.88 -23.99 -2.03
N ALA A 436 -10.53 -23.28 -2.94
CA ALA A 436 -11.86 -22.75 -2.71
C ALA A 436 -12.83 -23.79 -2.19
N MET A 437 -12.80 -24.98 -2.79
CA MET A 437 -13.68 -26.05 -2.36
C MET A 437 -13.28 -26.50 -0.95
N MET A 438 -11.97 -26.67 -0.73
CA MET A 438 -11.52 -27.12 0.59
C MET A 438 -12.09 -26.24 1.68
N GLN A 439 -11.86 -24.94 1.59
CA GLN A 439 -12.38 -24.01 2.59
C GLN A 439 -13.88 -24.02 2.67
N TYR A 440 -14.57 -24.06 1.54
CA TYR A 440 -16.02 -24.17 1.54
C TYR A 440 -16.47 -25.34 2.41
N ALA A 441 -15.88 -26.52 2.17
CA ALA A 441 -16.14 -27.78 2.87
C ALA A 441 -16.10 -27.58 4.39
N VAL A 442 -14.90 -27.20 4.80
CA VAL A 442 -14.62 -26.90 6.21
C VAL A 442 -15.75 -26.05 6.75
N THR A 443 -16.00 -24.86 6.25
CA THR A 443 -17.08 -23.98 6.62
C THR A 443 -18.49 -24.53 6.59
N LYS A 444 -18.72 -25.39 5.59
CA LYS A 444 -20.07 -25.96 5.47
C LYS A 444 -20.23 -27.02 6.55
N LYS A 445 -19.23 -27.88 6.81
CA LYS A 445 -19.44 -28.87 7.88
C LYS A 445 -19.93 -28.12 9.14
N ARG A 446 -19.01 -27.33 9.68
CA ARG A 446 -19.21 -26.59 10.90
C ARG A 446 -20.56 -25.95 10.90
N CYS A 447 -20.90 -25.08 9.97
CA CYS A 447 -22.26 -24.53 9.84
C CYS A 447 -23.38 -25.56 10.03
N GLN A 448 -23.29 -26.73 9.40
CA GLN A 448 -24.32 -27.75 9.67
C GLN A 448 -24.16 -28.25 11.10
N GLU A 449 -22.97 -28.65 11.55
CA GLU A 449 -22.79 -29.01 12.95
C GLU A 449 -23.48 -27.99 13.88
N ALA A 450 -23.49 -26.68 13.58
CA ALA A 450 -24.20 -25.73 14.46
C ALA A 450 -25.69 -25.65 14.16
N GLY A 451 -26.10 -26.27 13.08
CA GLY A 451 -27.45 -26.34 12.59
C GLY A 451 -27.77 -24.98 11.97
N LEU A 452 -26.80 -24.49 11.21
CA LEU A 452 -26.98 -23.21 10.56
C LEU A 452 -26.84 -23.37 9.06
N ASP A 453 -27.68 -22.64 8.31
CA ASP A 453 -27.55 -22.66 6.87
C ASP A 453 -26.22 -21.98 6.55
N PHE A 454 -25.37 -22.59 5.76
CA PHE A 454 -24.17 -21.95 5.28
C PHE A 454 -24.71 -20.90 4.30
N ILE A 455 -24.26 -19.67 4.31
CA ILE A 455 -24.61 -18.58 3.43
C ILE A 455 -23.30 -17.89 3.11
N GLY A 456 -22.89 -17.61 1.90
CA GLY A 456 -21.57 -16.98 1.72
C GLY A 456 -21.15 -16.53 0.34
N THR A 457 -20.02 -15.80 0.23
CA THR A 457 -19.51 -15.31 -1.03
C THR A 457 -17.99 -15.39 -1.08
N PHE A 458 -17.39 -15.50 -2.24
CA PHE A 458 -15.97 -15.30 -2.41
C PHE A 458 -15.88 -14.00 -3.25
N THR A 459 -15.12 -13.03 -2.83
CA THR A 459 -14.96 -11.78 -3.58
C THR A 459 -13.54 -11.91 -4.17
N VAL A 460 -13.42 -11.85 -5.49
CA VAL A 460 -12.19 -12.11 -6.19
C VAL A 460 -11.20 -10.95 -6.23
N GLY A 461 -10.10 -11.24 -5.52
CA GLY A 461 -8.90 -10.44 -5.35
C GLY A 461 -7.98 -10.83 -6.50
N MET A 462 -6.93 -10.07 -6.79
CA MET A 462 -6.13 -10.45 -7.97
C MET A 462 -5.46 -11.79 -7.71
N ARG A 463 -4.92 -12.02 -6.54
CA ARG A 463 -4.28 -13.28 -6.23
C ARG A 463 -4.82 -13.87 -4.92
N GLU A 464 -6.03 -13.49 -4.55
CA GLU A 464 -6.56 -14.01 -3.31
C GLU A 464 -8.06 -13.90 -3.41
N MET A 465 -8.81 -14.44 -2.48
CA MET A 465 -10.25 -14.39 -2.50
C MET A 465 -10.74 -14.34 -1.05
N HIS A 466 -11.30 -13.17 -0.80
CA HIS A 466 -11.93 -12.88 0.48
C HIS A 466 -13.22 -13.67 0.54
N HIS A 467 -13.56 -14.49 1.50
CA HIS A 467 -14.65 -15.40 1.65
C HIS A 467 -15.51 -15.10 2.85
N ILE A 468 -16.50 -14.26 2.69
CA ILE A 468 -17.36 -13.80 3.76
C ILE A 468 -18.44 -14.77 4.16
N VAL A 469 -18.23 -15.61 5.15
CA VAL A 469 -19.28 -16.52 5.60
C VAL A 469 -20.25 -15.72 6.46
N CYS A 470 -21.51 -15.67 6.05
CA CYS A 470 -22.48 -14.91 6.83
C CYS A 470 -23.22 -15.77 7.85
N ILE A 471 -22.73 -15.80 9.08
CA ILE A 471 -23.41 -16.61 10.10
C ILE A 471 -24.64 -15.88 10.57
N VAL A 472 -25.87 -16.31 10.24
CA VAL A 472 -26.99 -15.54 10.82
C VAL A 472 -27.72 -16.36 11.90
N PHE A 473 -28.18 -15.69 12.95
CA PHE A 473 -28.84 -16.40 14.04
C PHE A 473 -29.81 -15.56 14.86
N ASN A 474 -30.43 -16.24 15.82
CA ASN A 474 -31.44 -15.63 16.66
C ASN A 474 -30.87 -14.89 17.85
N LYS A 475 -30.75 -13.58 17.78
CA LYS A 475 -30.17 -12.82 18.90
C LYS A 475 -30.82 -12.99 20.26
N LYS A 476 -31.99 -13.58 20.44
CA LYS A 476 -32.61 -13.80 21.73
C LYS A 476 -32.55 -15.25 22.16
N ASP A 477 -31.88 -16.08 21.38
CA ASP A 477 -31.72 -17.49 21.67
C ASP A 477 -30.41 -17.80 22.36
N LEU A 478 -30.38 -17.97 23.68
CA LEU A 478 -29.14 -18.30 24.37
C LEU A 478 -28.46 -19.49 23.72
N ILE A 479 -29.17 -20.58 23.51
CA ILE A 479 -28.62 -21.81 22.99
C ILE A 479 -27.94 -21.65 21.63
N GLN A 480 -28.59 -20.90 20.74
CA GLN A 480 -28.04 -20.72 19.41
C GLN A 480 -26.85 -19.77 19.36
N LYS A 481 -26.93 -18.68 20.10
CA LYS A 481 -25.81 -17.76 20.19
C LYS A 481 -24.57 -18.49 20.65
N ARG A 482 -24.71 -19.36 21.65
CA ARG A 482 -23.60 -20.19 22.10
C ARG A 482 -23.11 -21.08 20.98
N LYS A 483 -24.06 -21.65 20.25
CA LYS A 483 -23.75 -22.48 19.07
C LYS A 483 -22.95 -21.64 18.09
N VAL A 484 -23.37 -20.40 17.89
CA VAL A 484 -22.74 -19.40 17.03
C VAL A 484 -21.35 -19.03 17.52
N GLN A 485 -21.12 -19.07 18.82
CA GLN A 485 -19.80 -18.75 19.37
C GLN A 485 -18.91 -19.99 19.20
N TRP A 486 -19.55 -21.17 19.29
CA TRP A 486 -18.72 -22.34 19.13
C TRP A 486 -18.24 -22.38 17.68
N LEU A 487 -19.21 -22.10 16.80
CA LEU A 487 -18.95 -22.19 15.36
C LEU A 487 -17.76 -21.33 14.97
N MET A 488 -17.94 -20.06 15.35
CA MET A 488 -16.91 -19.07 15.01
C MET A 488 -15.50 -19.46 15.42
N ARG A 489 -15.27 -19.77 16.68
CA ARG A 489 -14.02 -20.14 17.27
C ARG A 489 -13.41 -21.43 16.74
N THR A 490 -14.28 -22.35 16.34
CA THR A 490 -13.91 -23.62 15.79
C THR A 490 -13.56 -23.31 14.34
N LEU A 491 -14.36 -22.42 13.68
CA LEU A 491 -13.91 -22.16 12.29
C LEU A 491 -12.52 -21.53 12.25
N ILE A 492 -12.17 -20.64 13.18
CA ILE A 492 -10.91 -19.96 13.20
C ILE A 492 -9.79 -20.99 13.30
N ASP A 493 -9.86 -21.83 14.32
CA ASP A 493 -8.88 -22.91 14.48
C ASP A 493 -8.86 -23.77 13.23
N ASP A 494 -10.03 -24.26 12.80
CA ASP A 494 -10.03 -25.11 11.61
C ASP A 494 -9.22 -24.43 10.52
N CYS A 495 -9.70 -23.21 10.25
CA CYS A 495 -9.08 -22.44 9.17
C CYS A 495 -7.59 -22.28 9.32
N ALA A 496 -7.11 -22.00 10.52
CA ALA A 496 -5.67 -21.90 10.74
C ALA A 496 -5.01 -23.23 10.48
N ALA A 497 -5.63 -24.29 10.97
CA ALA A 497 -5.09 -25.64 10.71
C ALA A 497 -4.71 -25.87 9.26
N ASN A 498 -5.49 -25.39 8.31
CA ASN A 498 -5.37 -25.44 6.88
C ASN A 498 -4.72 -24.17 6.30
N GLY A 499 -3.97 -23.48 7.14
CA GLY A 499 -3.28 -22.27 6.77
C GLY A 499 -4.01 -21.13 6.10
N TRP A 500 -5.08 -20.65 6.71
CA TRP A 500 -5.91 -19.61 6.16
C TRP A 500 -6.34 -18.72 7.32
N GLY A 501 -5.99 -17.45 7.16
CA GLY A 501 -6.35 -16.51 8.22
C GLY A 501 -7.58 -15.74 7.78
N GLU A 502 -8.14 -15.07 8.76
CA GLU A 502 -9.28 -14.19 8.60
C GLU A 502 -8.69 -12.80 8.34
N TYR A 503 -9.40 -11.99 7.56
CA TYR A 503 -8.87 -10.66 7.28
C TYR A 503 -9.48 -9.66 8.24
N ARG A 504 -10.64 -9.90 8.80
CA ARG A 504 -11.28 -8.98 9.72
C ARG A 504 -12.22 -9.69 10.68
N THR A 505 -12.58 -9.21 11.87
CA THR A 505 -13.50 -9.90 12.73
C THR A 505 -14.25 -8.98 13.69
N HIS A 506 -15.08 -9.61 14.54
CA HIS A 506 -15.87 -8.86 15.50
C HIS A 506 -15.11 -8.82 16.81
N LEU A 507 -15.41 -7.82 17.61
CA LEU A 507 -14.77 -7.60 18.90
C LEU A 507 -14.34 -8.82 19.66
N ALA A 508 -15.16 -9.83 19.85
CA ALA A 508 -14.84 -11.01 20.62
C ALA A 508 -13.87 -11.95 19.94
N PHE A 509 -13.58 -11.84 18.63
CA PHE A 509 -12.71 -12.90 18.06
C PHE A 509 -11.35 -12.35 17.72
N MET A 510 -11.22 -11.09 18.14
CA MET A 510 -10.02 -10.31 17.86
C MET A 510 -8.74 -10.93 18.37
N ASP A 511 -8.73 -11.29 19.64
CA ASP A 511 -7.69 -12.00 20.29
C ASP A 511 -7.40 -13.32 19.59
N GLN A 512 -8.43 -14.15 19.46
CA GLN A 512 -8.27 -15.47 18.82
C GLN A 512 -7.59 -15.23 17.46
N ILE A 513 -8.23 -14.32 16.71
CA ILE A 513 -7.67 -14.10 15.37
C ILE A 513 -6.22 -13.63 15.41
N MET A 514 -5.83 -12.70 16.25
CA MET A 514 -4.36 -12.38 16.24
C MET A 514 -3.49 -13.49 16.71
N GLU A 515 -4.02 -14.35 17.62
CA GLU A 515 -3.20 -15.44 18.14
C GLU A 515 -2.87 -16.40 17.01
N THR A 516 -3.77 -16.36 16.00
CA THR A 516 -3.64 -17.14 14.78
C THR A 516 -2.37 -16.73 14.06
N TYR A 517 -2.10 -15.41 14.05
CA TYR A 517 -0.91 -14.87 13.43
C TYR A 517 0.33 -14.97 14.30
N ASN A 518 0.54 -16.10 14.99
CA ASN A 518 1.71 -16.25 15.84
C ASN A 518 3.02 -16.75 15.28
N TRP A 519 3.35 -16.60 13.98
CA TRP A 519 4.62 -17.11 13.49
C TRP A 519 5.79 -16.68 14.38
N ASN A 520 6.78 -17.52 14.55
CA ASN A 520 7.92 -17.21 15.36
C ASN A 520 7.46 -16.53 16.65
N ASN A 521 6.74 -17.34 17.40
CA ASN A 521 6.32 -17.02 18.74
C ASN A 521 5.66 -15.67 18.91
N SER A 522 4.65 -15.41 18.12
CA SER A 522 3.96 -14.15 18.17
C SER A 522 4.78 -12.91 17.84
N SER A 523 5.85 -12.98 17.08
CA SER A 523 6.62 -11.83 16.68
C SER A 523 5.77 -10.64 16.22
N PHE A 524 4.78 -10.85 15.39
CA PHE A 524 4.01 -9.75 14.81
C PHE A 524 3.28 -8.95 15.86
N LEU A 525 2.67 -9.62 16.83
CA LEU A 525 1.98 -8.94 17.89
C LEU A 525 3.00 -8.36 18.83
N ARG A 526 4.08 -9.01 19.24
CA ARG A 526 5.04 -8.38 20.16
C ARG A 526 5.47 -7.05 19.55
N PHE A 527 6.07 -7.10 18.37
CA PHE A 527 6.48 -5.89 17.66
C PHE A 527 5.36 -4.86 17.62
N ASN A 528 4.12 -5.24 17.42
CA ASN A 528 2.97 -4.33 17.44
C ASN A 528 2.77 -3.71 18.78
N GLU A 529 2.86 -4.41 19.92
CA GLU A 529 2.69 -3.88 21.30
C GLU A 529 3.74 -2.83 21.55
N VAL A 530 4.93 -2.96 20.99
CA VAL A 530 6.01 -2.02 21.15
C VAL A 530 5.60 -0.66 20.58
N LEU A 531 5.23 -0.65 19.30
CA LEU A 531 4.81 0.60 18.64
C LEU A 531 3.62 1.20 19.40
N LYS A 532 2.64 0.39 19.81
CA LYS A 532 1.46 0.88 20.55
C LYS A 532 1.85 1.58 21.83
N ASN A 533 2.64 0.94 22.66
CA ASN A 533 3.02 1.53 23.95
C ASN A 533 3.79 2.83 23.74
N ALA A 534 4.75 2.88 22.82
CA ALA A 534 5.55 4.04 22.53
C ALA A 534 4.69 5.26 22.27
N VAL A 535 3.76 5.11 21.34
CA VAL A 535 2.93 6.23 20.95
C VAL A 535 1.71 6.47 21.83
N ASP A 536 1.50 5.61 22.83
CA ASP A 536 0.29 5.61 23.64
C ASP A 536 0.54 5.02 25.01
N PRO A 537 1.58 5.53 25.68
CA PRO A 537 1.87 5.24 27.07
C PRO A 537 0.60 5.21 27.92
N ASN A 538 -0.38 6.10 27.89
CA ASN A 538 -1.54 5.89 28.76
C ASN A 538 -2.48 4.88 28.18
N GLY A 539 -2.27 4.48 26.94
CA GLY A 539 -3.08 3.44 26.29
C GLY A 539 -4.54 3.80 26.23
N ILE A 540 -4.89 5.01 25.84
CA ILE A 540 -6.29 5.47 25.88
C ILE A 540 -6.95 5.29 24.54
N ILE A 541 -6.12 4.99 23.53
CA ILE A 541 -6.71 4.76 22.24
C ILE A 541 -7.09 3.29 22.02
N ALA A 542 -8.42 3.12 22.03
CA ALA A 542 -9.01 1.81 21.76
C ALA A 542 -8.20 0.63 22.21
N PRO A 543 -7.99 0.44 23.50
CA PRO A 543 -7.22 -0.71 23.96
C PRO A 543 -7.97 -1.96 23.49
N GLY A 544 -7.19 -2.87 22.90
CA GLY A 544 -7.68 -4.14 22.43
C GLY A 544 -8.10 -4.28 21.00
N LYS A 545 -8.15 -3.19 20.23
CA LYS A 545 -8.61 -3.33 18.81
C LYS A 545 -7.57 -4.21 18.16
N SER A 546 -8.03 -5.11 17.30
CA SER A 546 -7.22 -6.05 16.54
C SER A 546 -6.38 -6.92 17.44
N GLY A 547 -6.68 -7.05 18.72
CA GLY A 547 -5.87 -7.89 19.57
C GLY A 547 -4.66 -7.17 20.12
N VAL A 548 -4.64 -5.83 20.11
CA VAL A 548 -3.39 -5.18 20.50
C VAL A 548 -3.73 -4.29 21.70
N TRP A 549 -3.04 -4.64 22.78
CA TRP A 549 -3.17 -4.16 24.10
C TRP A 549 -1.94 -3.44 24.69
N PRO A 550 -2.23 -2.22 25.16
CA PRO A 550 -1.26 -1.38 25.85
C PRO A 550 -1.04 -2.09 27.18
N SER A 551 0.14 -1.84 27.75
CA SER A 551 0.63 -2.57 28.92
C SER A 551 -0.14 -2.48 30.19
N GLN A 552 -0.95 -1.46 30.39
CA GLN A 552 -1.81 -1.36 31.60
C GLN A 552 -3.07 -2.20 31.53
N TYR A 553 -3.23 -3.05 30.52
CA TYR A 553 -4.42 -3.88 30.41
C TYR A 553 -3.94 -5.33 30.47
N SER A 554 -3.86 -5.90 31.66
CA SER A 554 -3.40 -7.27 31.75
C SER A 554 -4.10 -8.11 30.65
N HIS A 555 -3.21 -8.90 29.98
CA HIS A 555 -3.76 -9.88 29.07
C HIS A 555 -4.69 -10.82 29.84
N VAL A 556 -4.22 -11.25 31.01
CA VAL A 556 -5.00 -12.22 31.76
C VAL A 556 -6.42 -11.68 31.89
N THR A 557 -6.50 -10.47 32.42
CA THR A 557 -7.84 -9.96 32.64
C THR A 557 -8.63 -9.69 31.39
N TRP A 558 -8.04 -9.18 30.31
CA TRP A 558 -8.85 -8.81 29.17
C TRP A 558 -9.01 -9.66 27.92
N LYS A 559 -8.10 -10.56 27.51
CA LYS A 559 -8.33 -11.22 26.23
C LYS A 559 -9.45 -12.22 26.32
N LEU A 560 -10.14 -12.47 25.22
CA LEU A 560 -11.15 -13.51 25.09
C LEU A 560 -10.68 -14.31 23.87
N GLU B 6 40.39 -7.28 11.42
CA GLU B 6 41.52 -6.33 11.42
C GLU B 6 41.43 -5.19 12.44
N PHE B 7 42.61 -4.59 12.62
CA PHE B 7 43.08 -3.58 13.49
C PHE B 7 42.65 -2.14 13.57
N ARG B 8 43.29 -1.20 12.89
CA ARG B 8 42.99 0.22 12.92
C ARG B 8 42.26 0.84 11.74
N PRO B 9 40.96 1.06 11.88
CA PRO B 9 40.10 1.63 10.88
C PRO B 9 40.35 3.11 10.67
N LEU B 10 39.95 3.67 9.56
CA LEU B 10 40.10 5.08 9.27
C LEU B 10 39.15 5.95 10.08
N THR B 11 37.96 5.40 10.31
CA THR B 11 36.97 6.08 11.11
C THR B 11 36.31 5.04 12.02
N LEU B 12 36.25 5.39 13.29
CA LEU B 12 35.54 4.53 14.24
C LEU B 12 34.15 5.15 14.42
N PRO B 13 33.19 4.28 14.62
CA PRO B 13 31.82 4.69 14.86
C PRO B 13 31.80 5.44 16.18
N PRO B 14 30.91 6.39 16.29
CA PRO B 14 30.77 7.20 17.48
C PRO B 14 30.96 6.52 18.82
N LYS B 15 31.69 7.16 19.73
CA LYS B 15 31.97 6.78 21.10
C LYS B 15 32.70 5.48 21.34
N LEU B 16 33.00 4.71 20.32
CA LEU B 16 33.61 3.41 20.42
C LEU B 16 35.13 3.46 20.39
N SER B 17 35.72 2.74 21.34
CA SER B 17 37.18 2.69 21.38
C SER B 17 37.64 1.74 20.30
N LEU B 18 38.90 1.87 19.98
CA LEU B 18 39.57 0.99 19.02
C LEU B 18 39.60 -0.43 19.58
N SER B 19 39.79 -0.57 20.89
CA SER B 19 39.77 -1.88 21.52
C SER B 19 38.40 -2.47 21.29
N ASP B 20 37.32 -1.74 21.61
CA ASP B 20 35.97 -2.26 21.38
C ASP B 20 35.83 -2.66 19.92
N PHE B 21 36.17 -1.72 19.04
CA PHE B 21 36.14 -2.09 17.62
C PHE B 21 36.84 -3.40 17.32
N ASN B 22 38.09 -3.64 17.70
CA ASN B 22 38.71 -4.93 17.43
C ASN B 22 38.04 -6.10 18.14
N GLU B 23 37.48 -5.94 19.32
CA GLU B 23 36.82 -7.05 19.97
C GLU B 23 35.66 -7.53 19.08
N PHE B 24 34.87 -6.58 18.64
CA PHE B 24 33.70 -6.79 17.80
C PHE B 24 34.02 -7.55 16.54
N ILE B 25 34.89 -6.96 15.71
CA ILE B 25 35.36 -7.52 14.45
C ILE B 25 35.89 -8.93 14.70
N GLN B 26 36.73 -9.17 15.73
CA GLN B 26 37.16 -10.53 15.98
C GLN B 26 35.95 -11.43 16.14
N ASP B 27 34.93 -11.02 16.86
CA ASP B 27 33.69 -11.76 17.05
C ASP B 27 32.96 -12.05 15.75
N ILE B 28 32.82 -11.02 14.89
CA ILE B 28 32.13 -11.21 13.62
C ILE B 28 32.95 -12.09 12.67
N ILE B 29 34.26 -11.92 12.73
CA ILE B 29 35.14 -12.77 11.91
C ILE B 29 34.90 -14.21 12.32
N ARG B 30 34.85 -14.44 13.64
CA ARG B 30 34.61 -15.77 14.18
C ARG B 30 33.22 -16.27 13.78
N ILE B 31 32.24 -15.41 13.49
CA ILE B 31 30.95 -15.89 13.03
C ILE B 31 30.96 -16.11 11.52
N VAL B 32 31.20 -15.09 10.70
CA VAL B 32 31.09 -15.25 9.27
C VAL B 32 32.37 -15.48 8.48
N GLY B 33 33.52 -15.66 9.12
CA GLY B 33 34.75 -15.93 8.40
C GLY B 33 35.42 -14.64 7.92
N SER B 34 36.74 -14.62 7.97
CA SER B 34 37.54 -13.50 7.54
C SER B 34 37.24 -13.03 6.13
N GLU B 35 36.86 -13.93 5.23
CA GLU B 35 36.55 -13.64 3.85
C GLU B 35 35.30 -12.78 3.63
N ASN B 36 34.50 -12.53 4.66
CA ASN B 36 33.27 -11.78 4.56
C ASN B 36 33.21 -10.54 5.45
N VAL B 37 34.29 -10.13 6.08
CA VAL B 37 34.30 -8.96 6.94
C VAL B 37 35.41 -8.01 6.49
N GLU B 38 35.28 -6.96 5.69
CA GLU B 38 36.39 -6.12 5.34
C GLU B 38 36.59 -4.93 6.28
N VAL B 39 37.80 -4.64 6.72
CA VAL B 39 38.03 -3.45 7.55
C VAL B 39 38.67 -2.38 6.65
N ILE B 40 38.20 -1.15 6.74
CA ILE B 40 38.74 -0.04 5.95
C ILE B 40 39.87 0.66 6.67
N SER B 41 41.14 0.42 6.32
CA SER B 41 42.29 1.01 6.98
C SER B 41 42.84 2.28 6.37
N MET B 52 29.45 -2.41 -12.25
CA MET B 52 30.02 -3.76 -12.14
C MET B 52 30.37 -4.07 -10.68
N LYS B 53 31.60 -3.72 -10.27
CA LYS B 53 32.02 -3.93 -8.88
C LYS B 53 31.74 -2.60 -8.18
N PRO B 54 30.60 -2.45 -7.52
CA PRO B 54 30.29 -1.22 -6.79
C PRO B 54 31.11 -1.14 -5.51
N THR B 55 31.53 0.05 -5.11
CA THR B 55 32.24 0.14 -3.83
C THR B 55 31.14 0.08 -2.77
N HIS B 56 31.50 -0.33 -1.56
CA HIS B 56 30.53 -0.40 -0.48
C HIS B 56 31.05 0.35 0.73
N THR B 57 32.21 0.99 0.54
CA THR B 57 32.93 1.66 1.60
C THR B 57 32.72 3.15 1.60
N HIS B 58 32.30 3.76 0.50
CA HIS B 58 32.24 5.22 0.51
C HIS B 58 31.28 5.74 -0.53
N ASP B 59 30.90 7.00 -0.43
CA ASP B 59 29.95 7.56 -1.41
C ASP B 59 30.75 7.78 -2.67
N PRO B 60 30.35 7.14 -3.77
CA PRO B 60 31.07 7.11 -5.03
C PRO B 60 30.84 8.29 -5.94
N THR B 61 29.68 8.89 -5.68
CA THR B 61 29.24 10.09 -6.41
C THR B 61 29.61 11.11 -5.35
N HIS B 62 30.92 11.39 -5.30
CA HIS B 62 31.46 12.29 -4.29
C HIS B 62 30.75 13.62 -4.45
N VAL B 63 30.32 14.29 -3.42
CA VAL B 63 29.58 15.54 -3.52
C VAL B 63 29.97 16.33 -2.27
N MET B 64 30.04 15.58 -1.18
CA MET B 64 30.42 16.11 0.12
C MET B 64 31.92 15.85 0.25
N ASP B 65 32.52 16.26 1.36
CA ASP B 65 33.96 16.03 1.50
C ASP B 65 34.26 14.67 2.12
N GLN B 66 35.55 14.46 2.42
CA GLN B 66 35.96 13.21 3.07
C GLN B 66 35.61 13.17 4.56
N ASP B 67 35.57 11.94 5.10
CA ASP B 67 35.18 11.74 6.49
C ASP B 67 33.66 11.54 6.54
N TYR B 68 32.97 11.98 5.50
CA TYR B 68 31.56 11.89 5.33
C TYR B 68 31.17 10.60 4.67
N PHE B 69 30.27 9.85 5.30
CA PHE B 69 29.67 8.63 4.81
C PHE B 69 30.68 7.51 4.50
N LEU B 70 31.66 7.39 5.40
CA LEU B 70 32.71 6.39 5.22
C LEU B 70 32.61 5.30 6.27
N ALA B 71 32.28 4.10 5.81
CA ALA B 71 32.19 2.95 6.69
C ALA B 71 33.55 2.64 7.30
N SER B 72 33.48 1.88 8.38
CA SER B 72 34.65 1.38 9.08
C SER B 72 34.91 -0.06 8.63
N ALA B 73 33.85 -0.77 8.23
CA ALA B 73 34.00 -2.16 7.82
C ALA B 73 32.75 -2.69 7.14
N ILE B 74 32.95 -3.52 6.14
CA ILE B 74 31.81 -4.04 5.40
C ILE B 74 31.65 -5.46 5.88
N VAL B 75 30.48 -5.95 6.23
CA VAL B 75 30.37 -7.34 6.72
C VAL B 75 29.32 -8.05 5.87
N ALA B 76 29.60 -9.25 5.37
CA ALA B 76 28.66 -9.99 4.53
C ALA B 76 28.13 -11.25 5.20
N PRO B 77 26.95 -11.16 5.81
CA PRO B 77 26.33 -12.28 6.49
C PRO B 77 26.21 -13.46 5.53
N ARG B 78 26.37 -14.66 6.06
CA ARG B 78 26.22 -15.85 5.25
C ARG B 78 24.72 -16.11 5.14
N ASN B 79 23.95 -15.70 6.15
CA ASN B 79 22.53 -16.04 6.18
C ASN B 79 21.77 -15.21 7.21
N VAL B 80 20.50 -15.55 7.45
CA VAL B 80 19.75 -14.81 8.46
C VAL B 80 20.30 -14.98 9.86
N ALA B 81 20.73 -16.14 10.30
CA ALA B 81 21.34 -16.28 11.63
C ALA B 81 22.42 -15.21 11.80
N ASP B 82 23.35 -15.26 10.86
CA ASP B 82 24.44 -14.30 10.88
C ASP B 82 23.86 -12.93 11.09
N VAL B 83 22.85 -12.44 10.37
CA VAL B 83 22.35 -11.08 10.66
C VAL B 83 21.88 -10.89 12.10
N GLN B 84 21.25 -11.88 12.74
CA GLN B 84 20.85 -11.74 14.15
C GLN B 84 22.07 -11.73 15.05
N SER B 85 23.03 -12.64 14.90
CA SER B 85 24.26 -12.55 15.69
C SER B 85 24.83 -11.15 15.51
N ILE B 86 25.00 -10.68 14.30
CA ILE B 86 25.52 -9.33 14.07
C ILE B 86 24.70 -8.24 14.72
N VAL B 87 23.36 -8.30 14.72
CA VAL B 87 22.55 -7.30 15.43
C VAL B 87 22.82 -7.33 16.92
N GLY B 88 22.92 -8.56 17.46
CA GLY B 88 23.24 -8.75 18.88
C GLY B 88 24.51 -7.98 19.16
N LEU B 89 25.61 -8.37 18.51
CA LEU B 89 26.86 -7.65 18.65
C LEU B 89 26.71 -6.16 18.50
N ALA B 90 25.94 -5.60 17.60
CA ALA B 90 25.80 -4.15 17.53
C ALA B 90 25.10 -3.66 18.79
N ASN B 91 24.11 -4.39 19.29
CA ASN B 91 23.49 -3.92 20.52
C ASN B 91 24.48 -3.99 21.68
N LYS B 92 25.26 -5.07 21.76
CA LYS B 92 26.26 -5.26 22.80
C LYS B 92 27.26 -4.12 22.80
N PHE B 93 27.86 -3.86 21.66
CA PHE B 93 28.88 -2.82 21.52
C PHE B 93 28.36 -1.49 21.04
N SER B 94 27.08 -1.31 20.74
CA SER B 94 26.62 -0.01 20.25
C SER B 94 27.42 0.44 19.05
N PHE B 95 27.39 -0.36 18.01
CA PHE B 95 28.10 -0.23 16.74
C PHE B 95 26.94 -0.11 15.76
N PRO B 96 26.87 1.00 15.05
CA PRO B 96 25.82 1.22 14.09
C PRO B 96 26.12 0.37 12.87
N LEU B 97 25.06 -0.17 12.30
CA LEU B 97 25.06 -0.88 11.05
C LEU B 97 24.44 -0.14 9.87
N TRP B 98 24.90 -0.51 8.67
CA TRP B 98 24.37 0.08 7.47
C TRP B 98 24.11 -1.00 6.42
N PRO B 99 22.86 -1.48 6.55
CA PRO B 99 22.41 -2.61 5.75
C PRO B 99 22.14 -2.23 4.31
N ILE B 100 22.80 -2.90 3.37
CA ILE B 100 22.59 -2.64 1.97
C ILE B 100 22.20 -3.99 1.34
N SER B 101 21.54 -3.99 0.19
CA SER B 101 21.26 -5.16 -0.61
C SER B 101 22.29 -5.21 -1.74
N ILE B 102 22.28 -4.26 -2.67
CA ILE B 102 23.32 -4.21 -3.68
C ILE B 102 24.19 -2.94 -3.68
N GLY B 103 23.58 -1.78 -3.50
CA GLY B 103 24.34 -0.56 -3.47
C GLY B 103 24.90 -0.11 -4.80
N ARG B 104 24.15 -0.31 -5.89
CA ARG B 104 24.63 0.11 -7.20
C ARG B 104 24.11 1.50 -7.57
N ASN B 105 23.17 2.03 -6.78
CA ASN B 105 22.59 3.33 -7.13
C ASN B 105 23.38 4.53 -6.67
N SER B 106 24.56 4.71 -7.27
CA SER B 106 25.36 5.94 -7.01
C SER B 106 24.39 7.05 -7.35
N GLY B 107 24.23 8.18 -6.69
CA GLY B 107 23.07 9.00 -7.25
C GLY B 107 22.16 9.14 -6.03
N TYR B 108 22.13 8.07 -5.26
CA TYR B 108 21.50 8.09 -3.95
C TYR B 108 22.57 7.74 -2.92
N GLY B 109 23.84 7.74 -3.31
CA GLY B 109 24.98 7.52 -2.47
C GLY B 109 25.49 6.09 -2.45
N GLY B 110 24.81 5.23 -3.21
CA GLY B 110 25.21 3.82 -3.24
C GLY B 110 25.17 3.17 -1.86
N ALA B 111 26.27 2.48 -1.51
CA ALA B 111 26.33 1.75 -0.26
C ALA B 111 26.85 2.58 0.90
N ALA B 112 27.38 3.77 0.69
CA ALA B 112 27.88 4.55 1.81
C ALA B 112 26.86 4.63 2.94
N PRO B 113 27.36 4.61 4.17
CA PRO B 113 26.55 4.72 5.39
C PRO B 113 26.32 6.20 5.65
N ARG B 114 25.28 6.62 6.35
CA ARG B 114 25.01 8.05 6.53
C ARG B 114 25.97 8.62 7.57
N VAL B 115 26.29 7.83 8.59
CA VAL B 115 27.18 8.23 9.67
C VAL B 115 28.41 7.34 9.62
N SER B 116 29.52 7.97 9.27
CA SER B 116 30.80 7.30 9.19
C SER B 116 31.05 6.46 10.43
N GLY B 117 31.82 5.39 10.25
CA GLY B 117 32.16 4.53 11.38
C GLY B 117 31.27 3.29 11.33
N SER B 118 30.17 3.40 10.61
CA SER B 118 29.16 2.37 10.55
C SER B 118 29.76 1.11 9.94
N VAL B 119 29.03 0.02 10.14
CA VAL B 119 29.40 -1.26 9.55
C VAL B 119 28.39 -1.50 8.42
N VAL B 120 28.87 -1.43 7.18
CA VAL B 120 28.05 -1.65 5.98
C VAL B 120 27.74 -3.13 5.95
N LEU B 121 26.46 -3.45 5.95
CA LEU B 121 26.01 -4.85 6.01
C LEU B 121 25.62 -5.27 4.60
N ASP B 122 26.57 -5.93 3.96
CA ASP B 122 26.34 -6.33 2.56
C ASP B 122 25.49 -7.58 2.61
N MET B 123 24.20 -7.46 2.42
CA MET B 123 23.27 -8.58 2.49
C MET B 123 23.19 -9.32 1.17
N GLY B 124 23.63 -8.67 0.12
CA GLY B 124 23.58 -9.25 -1.20
C GLY B 124 24.66 -10.28 -1.45
N LYS B 125 25.90 -10.12 -1.05
CA LYS B 125 26.97 -11.04 -1.37
C LYS B 125 26.59 -12.45 -1.04
N ASN B 126 26.06 -12.81 0.13
CA ASN B 126 25.76 -14.24 0.32
C ASN B 126 24.30 -14.53 0.32
N MET B 127 23.43 -13.58 0.62
CA MET B 127 21.98 -13.79 0.66
C MET B 127 21.31 -13.41 -0.65
N ASN B 128 21.53 -14.29 -1.61
CA ASN B 128 21.26 -14.33 -3.00
C ASN B 128 20.05 -15.00 -3.61
N ARG B 129 19.42 -15.89 -2.86
CA ARG B 129 18.47 -16.79 -3.48
C ARG B 129 17.15 -16.32 -3.98
N VAL B 130 16.86 -16.94 -5.16
CA VAL B 130 15.54 -16.84 -5.78
C VAL B 130 14.84 -17.97 -5.00
N LEU B 131 14.11 -17.47 -3.98
CA LEU B 131 13.54 -18.50 -3.10
C LEU B 131 12.42 -19.28 -3.75
N GLU B 132 11.51 -18.60 -4.43
CA GLU B 132 10.37 -19.32 -5.00
C GLU B 132 9.82 -18.56 -6.17
N VAL B 133 9.27 -19.20 -7.19
CA VAL B 133 8.70 -18.51 -8.34
C VAL B 133 7.37 -19.22 -8.50
N ASN B 134 6.30 -18.64 -7.98
CA ASN B 134 5.04 -19.40 -8.03
C ASN B 134 4.21 -19.01 -9.24
N VAL B 135 3.99 -19.96 -10.16
CA VAL B 135 3.22 -19.62 -11.34
C VAL B 135 1.74 -19.53 -11.08
N GLU B 136 1.10 -20.37 -10.26
CA GLU B 136 -0.34 -20.27 -10.13
C GLU B 136 -0.76 -18.95 -9.47
N GLY B 137 0.09 -18.46 -8.56
CA GLY B 137 -0.11 -17.26 -7.79
C GLY B 137 0.61 -16.07 -8.39
N ALA B 138 1.44 -16.42 -9.39
CA ALA B 138 2.15 -15.36 -10.12
C ALA B 138 2.97 -14.45 -9.22
N TYR B 139 3.85 -15.02 -8.42
CA TYR B 139 4.68 -14.22 -7.54
C TYR B 139 6.05 -14.88 -7.46
N CYS B 140 7.03 -14.18 -6.90
CA CYS B 140 8.38 -14.67 -6.65
C CYS B 140 8.73 -14.22 -5.23
N VAL B 141 9.56 -14.92 -4.52
CA VAL B 141 10.11 -14.64 -3.24
C VAL B 141 11.66 -14.67 -3.41
N VAL B 142 12.19 -13.50 -3.02
CA VAL B 142 13.54 -13.09 -3.21
C VAL B 142 14.34 -12.61 -2.03
N GLU B 143 15.66 -12.87 -2.02
CA GLU B 143 16.56 -12.42 -0.97
C GLU B 143 17.22 -11.12 -1.45
N PRO B 144 17.87 -10.37 -0.58
CA PRO B 144 18.48 -9.12 -0.95
C PRO B 144 19.43 -9.23 -2.12
N GLY B 145 20.17 -10.32 -2.28
CA GLY B 145 21.12 -10.39 -3.39
C GLY B 145 20.59 -10.54 -4.80
N VAL B 146 19.37 -10.92 -5.02
CA VAL B 146 18.76 -11.17 -6.29
C VAL B 146 18.59 -9.89 -7.10
N THR B 147 19.58 -9.64 -7.95
CA THR B 147 19.47 -8.52 -8.86
C THR B 147 18.31 -8.85 -9.83
N TYR B 148 18.03 -7.91 -10.72
CA TYR B 148 16.99 -8.05 -11.72
C TYR B 148 17.49 -9.01 -12.77
N HIS B 149 18.73 -8.85 -13.24
CA HIS B 149 19.30 -9.80 -14.19
C HIS B 149 19.20 -11.26 -13.66
N ASP B 150 19.57 -11.43 -12.39
CA ASP B 150 19.46 -12.72 -11.73
C ASP B 150 18.04 -13.24 -11.87
N LEU B 151 17.00 -12.53 -11.39
CA LEU B 151 15.65 -13.07 -11.50
C LEU B 151 15.28 -13.36 -12.95
N HIS B 152 15.75 -12.52 -13.89
CA HIS B 152 15.56 -12.82 -15.30
C HIS B 152 16.26 -14.13 -15.70
N ASN B 153 17.54 -14.34 -15.44
CA ASN B 153 18.25 -15.57 -15.77
C ASN B 153 17.58 -16.76 -15.09
N TYR B 154 17.08 -16.52 -13.88
CA TYR B 154 16.34 -17.56 -13.18
C TYR B 154 15.12 -17.88 -14.05
N LEU B 155 14.27 -16.95 -14.37
CA LEU B 155 13.14 -17.28 -15.23
C LEU B 155 13.45 -18.04 -16.50
N GLU B 156 14.48 -17.66 -17.25
CA GLU B 156 14.82 -18.32 -18.51
C GLU B 156 15.31 -19.73 -18.32
N ALA B 157 16.26 -20.04 -17.45
CA ALA B 157 16.69 -21.41 -17.23
C ALA B 157 15.62 -22.33 -16.64
N ASN B 158 14.38 -21.88 -16.41
CA ASN B 158 13.28 -22.68 -15.91
C ASN B 158 12.08 -22.51 -16.85
N ASN B 159 12.35 -22.00 -18.05
CA ASN B 159 11.35 -21.71 -19.07
C ASN B 159 10.12 -20.95 -18.59
N LEU B 160 10.29 -19.98 -17.70
CA LEU B 160 9.18 -19.22 -17.12
C LEU B 160 8.98 -17.89 -17.81
N ARG B 161 9.90 -17.63 -18.74
CA ARG B 161 9.91 -16.42 -19.55
C ARG B 161 8.65 -16.21 -20.35
N ASP B 162 7.95 -17.24 -20.78
CA ASP B 162 6.75 -17.10 -21.59
C ASP B 162 5.50 -17.25 -20.76
N LYS B 163 5.64 -17.28 -19.44
CA LYS B 163 4.50 -17.40 -18.54
C LYS B 163 4.45 -16.20 -17.57
N LEU B 164 5.65 -15.80 -17.11
CA LEU B 164 5.77 -14.74 -16.16
C LEU B 164 6.74 -13.63 -16.52
N TRP B 165 6.38 -12.37 -16.34
CA TRP B 165 7.24 -11.26 -16.69
C TRP B 165 7.66 -10.34 -15.54
N LEU B 166 8.91 -9.91 -15.56
CA LEU B 166 9.48 -9.00 -14.58
C LEU B 166 9.02 -7.57 -14.81
N ASP B 167 9.68 -6.61 -14.19
CA ASP B 167 9.34 -5.20 -14.22
C ASP B 167 10.57 -4.48 -13.69
N VAL B 168 11.31 -3.89 -14.56
CA VAL B 168 12.63 -3.42 -14.24
C VAL B 168 12.75 -1.91 -14.33
N PRO B 169 13.68 -1.48 -13.52
CA PRO B 169 14.05 -0.08 -13.40
C PRO B 169 14.97 0.11 -14.58
N ASP B 170 15.17 1.36 -15.00
CA ASP B 170 16.08 1.67 -16.10
C ASP B 170 17.36 0.84 -16.09
N LEU B 171 17.95 0.43 -14.97
CA LEU B 171 19.11 -0.43 -14.94
C LEU B 171 18.74 -1.73 -14.16
N GLY B 172 19.18 -2.89 -14.70
CA GLY B 172 18.91 -4.18 -14.15
C GLY B 172 19.91 -4.79 -13.19
N GLY B 173 20.94 -4.07 -12.76
CA GLY B 173 21.90 -4.61 -11.82
C GLY B 173 21.52 -4.32 -10.38
N GLY B 174 20.37 -3.67 -10.16
CA GLY B 174 19.89 -3.33 -8.84
C GLY B 174 19.20 -4.54 -8.20
N SER B 175 18.95 -4.41 -6.91
CA SER B 175 18.27 -5.42 -6.14
C SER B 175 16.76 -5.43 -6.22
N VAL B 176 16.13 -6.55 -6.61
CA VAL B 176 14.69 -6.67 -6.68
C VAL B 176 14.00 -6.27 -5.37
N LEU B 177 14.57 -6.62 -4.22
CA LEU B 177 13.96 -6.24 -2.95
C LEU B 177 14.48 -4.89 -2.47
N GLY B 178 15.76 -4.62 -2.66
CA GLY B 178 16.36 -3.34 -2.25
C GLY B 178 15.56 -2.23 -2.96
N ASN B 179 15.42 -2.29 -4.28
CA ASN B 179 14.64 -1.29 -5.00
C ASN B 179 13.22 -1.22 -4.50
N ALA B 180 12.51 -2.30 -4.26
CA ALA B 180 11.12 -2.35 -3.83
C ALA B 180 10.89 -1.70 -2.46
N VAL B 181 11.81 -1.97 -1.51
CA VAL B 181 11.68 -1.39 -0.19
C VAL B 181 12.01 0.10 -0.27
N GLU B 182 12.79 0.51 -1.26
CA GLU B 182 13.10 1.91 -1.48
C GLU B 182 12.04 2.63 -2.31
N ARG B 183 11.05 1.88 -2.78
CA ARG B 183 9.89 2.35 -3.50
C ARG B 183 10.21 2.76 -4.93
N GLY B 184 11.17 2.10 -5.57
CA GLY B 184 11.67 2.43 -6.91
C GLY B 184 10.58 2.25 -7.92
N VAL B 185 10.52 2.70 -9.17
CA VAL B 185 9.48 2.46 -10.13
C VAL B 185 10.06 1.81 -11.39
N GLY B 186 9.24 1.15 -12.12
CA GLY B 186 9.40 0.41 -13.31
C GLY B 186 8.43 0.88 -14.38
N TYR B 187 8.57 0.27 -15.58
CA TYR B 187 7.83 0.72 -16.77
C TYR B 187 6.88 -0.29 -17.36
N THR B 188 6.35 -1.25 -16.66
CA THR B 188 5.33 -2.20 -17.08
C THR B 188 4.08 -1.88 -16.24
N PRO B 189 2.95 -2.54 -16.41
CA PRO B 189 1.77 -2.29 -15.59
C PRO B 189 2.03 -2.60 -14.14
N TYR B 190 3.15 -3.23 -13.84
CA TYR B 190 3.57 -3.61 -12.50
C TYR B 190 4.77 -2.76 -12.08
N GLY B 191 4.82 -1.53 -12.58
CA GLY B 191 5.91 -0.65 -12.31
C GLY B 191 5.97 -0.14 -10.91
N ASP B 192 4.82 -0.05 -10.24
CA ASP B 192 4.95 0.49 -8.86
C ASP B 192 5.45 -0.64 -7.97
N HIS B 193 6.75 -0.84 -7.84
CA HIS B 193 7.28 -1.98 -7.14
C HIS B 193 6.84 -2.25 -5.73
N TRP B 194 6.92 -1.20 -4.89
CA TRP B 194 6.55 -1.38 -3.49
C TRP B 194 5.11 -1.85 -3.45
N MET B 195 4.20 -1.43 -4.32
CA MET B 195 2.82 -1.87 -4.29
C MET B 195 2.63 -3.28 -4.72
N MET B 196 3.67 -3.98 -5.18
CA MET B 196 3.62 -5.34 -5.68
C MET B 196 4.27 -6.38 -4.77
N HIS B 197 4.57 -6.00 -3.55
CA HIS B 197 5.17 -6.82 -2.55
C HIS B 197 4.04 -7.41 -1.72
N SER B 198 4.34 -8.56 -1.15
CA SER B 198 3.38 -9.19 -0.24
C SER B 198 4.22 -10.30 0.35
N GLY B 199 4.28 -10.36 1.67
CA GLY B 199 5.14 -11.34 2.33
C GLY B 199 6.50 -10.75 2.64
N MET B 200 6.87 -10.15 3.76
CA MET B 200 8.26 -9.66 3.83
C MET B 200 8.75 -10.19 5.17
N GLU B 201 10.03 -10.53 5.20
CA GLU B 201 10.73 -11.05 6.35
C GLU B 201 11.70 -9.97 6.76
N VAL B 202 11.75 -9.66 8.03
CA VAL B 202 12.54 -8.58 8.60
C VAL B 202 13.30 -9.04 9.86
N VAL B 203 14.50 -8.50 10.02
CA VAL B 203 15.27 -8.79 11.23
C VAL B 203 15.11 -7.50 12.06
N LEU B 204 14.23 -7.35 13.04
CA LEU B 204 14.20 -6.07 13.72
C LEU B 204 15.46 -5.67 14.44
N ALA B 205 15.53 -4.52 15.06
CA ALA B 205 16.70 -4.10 15.82
C ALA B 205 16.95 -4.94 17.05
N ASN B 206 15.99 -5.58 17.66
CA ASN B 206 16.20 -6.40 18.86
C ASN B 206 16.80 -7.70 18.40
N GLY B 207 16.69 -8.08 17.13
CA GLY B 207 17.34 -9.33 16.66
C GLY B 207 16.25 -10.26 16.18
N GLU B 208 15.11 -10.06 16.86
CA GLU B 208 13.92 -10.85 16.52
C GLU B 208 13.40 -10.77 15.12
N LEU B 209 13.18 -11.90 14.47
CA LEU B 209 12.67 -12.11 13.14
C LEU B 209 11.20 -11.77 13.12
N LEU B 210 10.68 -11.25 12.04
CA LEU B 210 9.29 -10.89 11.91
C LEU B 210 8.92 -11.05 10.44
N ARG B 211 7.78 -11.56 10.05
CA ARG B 211 7.35 -11.71 8.70
C ARG B 211 6.01 -10.90 8.63
N THR B 212 5.65 -10.29 7.50
CA THR B 212 4.45 -9.45 7.58
C THR B 212 3.17 -10.00 7.00
N GLY B 213 2.05 -9.32 7.27
CA GLY B 213 0.76 -9.69 6.69
C GLY B 213 0.49 -11.15 6.95
N MET B 214 0.06 -11.90 5.94
CA MET B 214 -0.17 -13.35 6.10
C MET B 214 1.13 -14.12 6.23
N GLY B 215 2.31 -13.47 6.34
CA GLY B 215 3.56 -14.16 6.59
C GLY B 215 3.52 -14.51 8.08
N ALA B 216 2.67 -13.84 8.85
CA ALA B 216 2.49 -14.03 10.27
C ALA B 216 1.67 -15.28 10.59
N LEU B 217 0.81 -15.66 9.68
CA LEU B 217 0.00 -16.88 9.80
C LEU B 217 0.95 -18.00 9.37
N PRO B 218 1.34 -18.88 10.26
CA PRO B 218 2.31 -19.91 9.98
C PRO B 218 1.86 -21.16 9.26
N ASP B 219 2.74 -21.62 8.37
CA ASP B 219 2.38 -22.86 7.67
C ASP B 219 2.08 -23.92 8.73
N PRO B 220 0.94 -24.59 8.63
CA PRO B 220 0.62 -25.71 9.46
C PRO B 220 1.76 -26.73 9.46
N LYS B 221 2.05 -27.29 10.64
CA LYS B 221 3.10 -28.28 10.82
C LYS B 221 2.87 -29.47 9.87
N ARG B 222 3.98 -30.08 9.51
CA ARG B 222 3.93 -31.26 8.65
C ARG B 222 5.31 -31.89 8.79
N PRO B 223 5.39 -33.21 8.77
CA PRO B 223 6.62 -33.94 8.96
C PRO B 223 7.87 -33.38 8.32
N GLU B 224 7.88 -33.05 7.04
CA GLU B 224 8.98 -32.58 6.22
C GLU B 224 9.52 -31.19 6.52
N THR B 225 8.84 -30.38 7.31
CA THR B 225 9.31 -29.05 7.62
C THR B 225 9.55 -28.89 9.12
N MET B 226 9.51 -29.98 9.87
CA MET B 226 9.73 -29.91 11.29
C MET B 226 11.20 -29.60 11.55
N GLY B 227 11.45 -28.91 12.65
CA GLY B 227 12.71 -28.52 13.17
C GLY B 227 13.48 -27.42 12.49
N LEU B 228 12.98 -26.90 11.38
CA LEU B 228 13.66 -25.90 10.59
C LEU B 228 13.71 -24.60 11.39
N LYS B 229 14.83 -23.88 11.28
CA LYS B 229 14.89 -22.60 11.98
C LYS B 229 13.80 -21.72 11.41
N PRO B 230 13.33 -20.72 12.14
CA PRO B 230 12.31 -19.80 11.65
C PRO B 230 12.57 -19.28 10.25
N GLU B 231 13.75 -18.71 10.04
CA GLU B 231 14.27 -18.18 8.80
C GLU B 231 14.10 -19.11 7.58
N ASP B 232 14.12 -20.42 7.77
CA ASP B 232 14.06 -21.36 6.72
C ASP B 232 12.71 -22.03 6.59
N GLN B 233 11.80 -21.64 7.45
CA GLN B 233 10.45 -22.22 7.38
C GLN B 233 9.73 -21.66 6.18
N PRO B 234 8.85 -22.50 5.63
CA PRO B 234 8.01 -22.13 4.50
C PRO B 234 7.00 -21.11 5.02
N TRP B 235 6.26 -20.54 4.06
CA TRP B 235 5.30 -19.52 4.48
C TRP B 235 3.90 -20.05 4.21
N SER B 236 2.89 -19.58 4.90
CA SER B 236 1.59 -20.11 4.54
C SER B 236 1.21 -19.76 3.11
N LYS B 237 0.23 -20.46 2.59
CA LYS B 237 -0.33 -20.32 1.27
C LYS B 237 -0.62 -18.87 0.93
N ILE B 238 -1.53 -18.16 1.62
CA ILE B 238 -1.79 -16.76 1.27
C ILE B 238 -0.69 -15.76 1.60
N ALA B 239 0.48 -16.07 2.13
CA ALA B 239 1.54 -15.15 2.46
C ALA B 239 1.97 -14.23 1.33
N HIS B 240 1.92 -14.69 0.07
CA HIS B 240 2.36 -13.82 -1.01
C HIS B 240 1.21 -13.53 -1.96
N LEU B 241 -0.01 -13.69 -1.45
CA LEU B 241 -1.14 -13.43 -2.35
C LEU B 241 -1.99 -12.29 -1.82
N PHE B 242 -1.88 -12.08 -0.53
CA PHE B 242 -2.57 -10.99 0.16
C PHE B 242 -1.52 -10.37 1.09
N PRO B 243 -1.36 -9.08 0.96
CA PRO B 243 -0.42 -8.37 1.78
C PRO B 243 -0.88 -7.95 3.16
N TYR B 244 -2.17 -7.65 3.31
CA TYR B 244 -2.63 -7.07 4.53
C TYR B 244 -2.56 -7.99 5.74
N GLY B 245 -2.70 -9.30 5.71
CA GLY B 245 -2.81 -10.00 7.01
C GLY B 245 -4.02 -9.47 7.79
N PHE B 246 -3.92 -9.04 9.03
CA PHE B 246 -4.96 -8.74 9.96
C PHE B 246 -4.38 -7.69 10.92
N GLY B 247 -5.16 -6.74 11.42
CA GLY B 247 -4.63 -5.75 12.34
C GLY B 247 -3.90 -4.63 11.59
N PRO B 248 -3.06 -3.91 12.33
CA PRO B 248 -2.16 -2.89 11.81
C PRO B 248 -1.24 -3.41 10.70
N TYR B 249 -1.22 -2.84 9.50
CA TYR B 249 -0.40 -3.23 8.34
C TYR B 249 0.94 -2.47 8.35
N ILE B 250 1.85 -3.07 9.07
CA ILE B 250 3.12 -2.49 9.44
C ILE B 250 4.14 -2.52 8.33
N ASP B 251 3.83 -3.12 7.20
CA ASP B 251 4.83 -3.26 6.15
C ASP B 251 5.61 -2.01 5.83
N GLY B 252 4.94 -0.89 5.54
CA GLY B 252 5.50 0.37 5.11
C GLY B 252 6.43 1.07 6.09
N LEU B 253 6.42 0.61 7.36
CA LEU B 253 7.34 1.18 8.28
C LEU B 253 8.74 0.75 7.79
N PHE B 254 8.85 -0.37 7.10
CA PHE B 254 10.11 -0.88 6.59
C PHE B 254 10.46 -0.33 5.24
N SER B 255 9.75 0.65 4.68
CA SER B 255 10.14 1.24 3.42
C SER B 255 10.88 2.55 3.67
N GLN B 256 12.06 2.63 3.07
CA GLN B 256 12.90 3.82 3.20
C GLN B 256 12.99 4.19 4.69
N SER B 257 13.30 3.17 5.48
CA SER B 257 13.37 3.47 6.91
C SER B 257 14.53 2.74 7.58
N ASN B 258 14.72 3.09 8.87
CA ASN B 258 15.73 2.32 9.58
C ASN B 258 15.09 1.41 10.63
N MET B 259 13.83 1.06 10.47
CA MET B 259 13.13 0.24 11.42
C MET B 259 13.37 -1.23 11.37
N GLY B 260 14.01 -1.77 10.35
CA GLY B 260 14.20 -3.22 10.27
C GLY B 260 15.18 -3.59 9.17
N ILE B 261 15.73 -4.81 9.22
CA ILE B 261 16.62 -5.28 8.13
C ILE B 261 15.80 -6.25 7.28
N VAL B 262 15.43 -5.85 6.08
CA VAL B 262 14.61 -6.68 5.19
C VAL B 262 15.46 -7.79 4.58
N THR B 263 15.13 -9.03 4.91
CA THR B 263 15.86 -10.22 4.55
C THR B 263 15.25 -11.05 3.42
N LYS B 264 13.97 -10.94 3.16
CA LYS B 264 13.25 -11.75 2.19
C LYS B 264 11.98 -10.93 1.89
N ILE B 265 11.51 -11.01 0.66
CA ILE B 265 10.31 -10.32 0.23
C ILE B 265 9.65 -11.01 -0.97
N GLY B 266 8.30 -10.97 -0.92
CA GLY B 266 7.52 -11.54 -2.03
C GLY B 266 7.14 -10.37 -2.93
N ILE B 267 7.31 -10.51 -4.23
CA ILE B 267 7.03 -9.51 -5.25
C ILE B 267 6.08 -10.21 -6.23
N TRP B 268 5.07 -9.52 -6.66
CA TRP B 268 4.10 -10.11 -7.55
C TRP B 268 4.62 -10.13 -8.97
N LEU B 269 4.28 -11.07 -9.84
CA LEU B 269 4.85 -11.03 -11.19
C LEU B 269 3.73 -10.94 -12.21
N MET B 270 4.01 -10.22 -13.31
CA MET B 270 2.96 -10.10 -14.31
C MET B 270 2.95 -11.29 -15.27
N PRO B 271 1.84 -12.02 -15.35
CA PRO B 271 1.72 -13.08 -16.33
C PRO B 271 1.81 -12.55 -17.75
N ASN B 272 2.65 -13.06 -18.62
CA ASN B 272 2.63 -12.70 -20.03
C ASN B 272 1.23 -12.32 -20.51
N PRO B 273 1.10 -11.14 -21.08
CA PRO B 273 -0.19 -10.62 -21.52
C PRO B 273 -0.65 -11.10 -22.87
N GLY B 274 0.19 -11.84 -23.60
CA GLY B 274 -0.20 -12.33 -24.91
C GLY B 274 -0.52 -11.14 -25.80
N GLY B 275 0.47 -10.28 -25.98
CA GLY B 275 0.39 -9.14 -26.86
C GLY B 275 1.30 -8.05 -26.33
N TYR B 276 2.24 -7.59 -27.16
CA TYR B 276 3.11 -6.51 -26.68
C TYR B 276 3.61 -5.57 -27.78
N GLN B 277 3.36 -4.26 -27.64
CA GLN B 277 3.85 -3.30 -28.61
C GLN B 277 4.40 -2.10 -27.82
N SER B 278 5.63 -1.73 -28.10
CA SER B 278 6.25 -0.59 -27.44
C SER B 278 6.37 0.50 -28.49
N TYR B 279 6.21 1.76 -28.17
CA TYR B 279 6.31 2.83 -29.14
C TYR B 279 7.02 4.06 -28.62
N LEU B 280 7.22 5.04 -29.47
CA LEU B 280 7.89 6.30 -29.25
C LEU B 280 7.15 7.42 -30.00
N ILE B 281 6.84 8.48 -29.32
CA ILE B 281 6.08 9.60 -29.86
C ILE B 281 7.01 10.78 -29.68
N THR B 282 7.43 11.49 -30.71
CA THR B 282 8.34 12.61 -30.52
C THR B 282 7.61 13.94 -30.54
N LEU B 283 7.97 14.83 -29.63
CA LEU B 283 7.32 16.14 -29.47
C LEU B 283 8.41 17.13 -29.91
N PRO B 284 8.14 17.95 -30.94
CA PRO B 284 9.15 18.78 -31.53
C PRO B 284 9.58 19.94 -30.66
N LYS B 285 8.67 20.71 -30.05
CA LYS B 285 9.19 21.83 -29.26
C LYS B 285 9.39 21.54 -27.80
N ASP B 286 10.35 22.25 -27.21
CA ASP B 286 10.58 22.28 -25.79
C ASP B 286 9.33 22.65 -25.00
N GLY B 287 8.34 23.37 -25.46
CA GLY B 287 7.11 23.69 -24.76
C GLY B 287 5.96 22.76 -25.07
N ASP B 288 6.29 21.65 -25.75
CA ASP B 288 5.27 20.68 -26.14
C ASP B 288 4.92 19.80 -24.95
N LEU B 289 5.83 19.80 -23.96
CA LEU B 289 5.68 19.14 -22.68
C LEU B 289 4.32 19.52 -22.07
N LYS B 290 3.91 20.78 -22.03
CA LYS B 290 2.60 21.18 -21.51
C LYS B 290 1.41 20.49 -22.15
N GLN B 291 1.26 20.50 -23.46
CA GLN B 291 0.16 19.84 -24.12
C GLN B 291 0.33 18.33 -23.93
N ALA B 292 1.58 17.82 -24.08
CA ALA B 292 1.75 16.38 -23.90
C ALA B 292 1.21 15.93 -22.55
N VAL B 293 1.73 16.53 -21.47
CA VAL B 293 1.24 16.13 -20.16
C VAL B 293 -0.26 16.37 -20.10
N ASP B 294 -0.86 17.46 -20.64
CA ASP B 294 -2.32 17.52 -20.48
C ASP B 294 -3.00 16.34 -21.16
N ILE B 295 -2.43 15.88 -22.26
CA ILE B 295 -2.91 14.74 -23.03
C ILE B 295 -2.77 13.47 -22.20
N ILE B 296 -1.57 13.18 -21.69
CA ILE B 296 -1.36 11.94 -20.90
C ILE B 296 -2.32 11.77 -19.73
N ARG B 297 -2.68 12.77 -18.96
CA ARG B 297 -3.57 12.75 -17.85
C ARG B 297 -4.80 11.88 -17.97
N PRO B 298 -5.75 12.22 -18.82
CA PRO B 298 -6.97 11.44 -18.97
C PRO B 298 -6.68 10.05 -19.48
N LEU B 299 -5.64 9.85 -20.29
CA LEU B 299 -5.29 8.55 -20.83
C LEU B 299 -4.60 7.68 -19.79
N ARG B 300 -4.01 8.33 -18.80
CA ARG B 300 -3.36 7.53 -17.77
C ARG B 300 -4.41 7.08 -16.78
N LEU B 301 -5.26 8.04 -16.38
CA LEU B 301 -6.28 7.77 -15.38
C LEU B 301 -7.28 6.87 -16.08
N GLY B 302 -7.37 6.87 -17.39
CA GLY B 302 -8.47 6.07 -17.96
C GLY B 302 -8.10 4.69 -18.45
N MET B 303 -6.86 4.32 -18.09
CA MET B 303 -6.33 3.01 -18.48
C MET B 303 -6.26 2.84 -19.98
N ALA B 304 -5.70 3.80 -20.73
CA ALA B 304 -5.46 3.70 -22.17
C ALA B 304 -3.95 3.50 -22.33
N LEU B 305 -3.33 4.06 -21.29
CA LEU B 305 -1.95 4.05 -20.93
C LEU B 305 -1.74 3.04 -19.80
N GLN B 306 -1.37 1.88 -20.30
CA GLN B 306 -1.16 0.65 -19.57
C GLN B 306 -0.06 0.67 -18.54
N ASN B 307 1.19 0.95 -18.91
CA ASN B 307 2.32 0.84 -17.99
C ASN B 307 2.63 2.17 -17.36
N VAL B 308 3.90 2.34 -16.99
CA VAL B 308 4.36 3.64 -16.53
C VAL B 308 5.07 4.21 -17.76
N PRO B 309 4.44 5.12 -18.47
CA PRO B 309 5.06 5.76 -19.63
C PRO B 309 6.11 6.76 -19.20
N THR B 310 7.10 7.03 -20.01
CA THR B 310 8.11 8.02 -19.68
C THR B 310 8.18 9.14 -20.71
N ILE B 311 8.47 10.34 -20.22
CA ILE B 311 8.61 11.55 -21.02
C ILE B 311 10.07 11.94 -20.92
N ARG B 312 10.95 11.68 -21.86
CA ARG B 312 12.35 12.02 -21.65
C ARG B 312 12.78 13.33 -22.31
N HIS B 313 13.76 13.99 -21.71
CA HIS B 313 14.30 15.21 -22.29
C HIS B 313 15.38 14.76 -23.28
N ILE B 314 15.54 15.54 -24.35
CA ILE B 314 16.47 15.15 -25.41
C ILE B 314 17.86 14.79 -24.93
N LEU B 315 18.42 15.51 -23.95
CA LEU B 315 19.78 15.12 -23.53
C LEU B 315 19.82 13.74 -22.87
N LEU B 316 18.68 13.21 -22.40
CA LEU B 316 18.78 11.89 -21.75
C LEU B 316 19.11 10.87 -22.84
N ASP B 317 18.26 10.77 -23.85
CA ASP B 317 18.52 9.94 -25.02
C ASP B 317 19.82 10.39 -25.68
N ALA B 318 20.15 11.69 -25.70
CA ALA B 318 21.40 12.12 -26.34
C ALA B 318 22.58 11.45 -25.63
N ALA B 319 22.53 11.53 -24.32
CA ALA B 319 23.55 11.00 -23.43
C ALA B 319 23.71 9.50 -23.57
N VAL B 320 22.60 8.77 -23.72
CA VAL B 320 22.66 7.33 -23.87
C VAL B 320 23.56 6.99 -25.05
N LEU B 321 23.41 7.74 -26.12
CA LEU B 321 24.14 7.57 -27.35
C LEU B 321 25.51 8.22 -27.42
N GLY B 322 25.78 9.26 -26.67
CA GLY B 322 27.12 9.86 -26.72
C GLY B 322 27.44 10.79 -25.57
N ASP B 323 28.72 11.01 -25.28
CA ASP B 323 29.11 11.92 -24.20
C ASP B 323 28.82 13.34 -24.64
N LYS B 324 29.21 14.37 -23.92
CA LYS B 324 28.90 15.73 -24.33
C LYS B 324 29.92 16.32 -25.29
N ARG B 325 31.19 15.93 -25.24
CA ARG B 325 32.15 16.42 -26.22
C ARG B 325 31.78 15.92 -27.62
N SER B 326 31.10 14.77 -27.72
CA SER B 326 30.64 14.17 -28.94
C SER B 326 29.50 14.95 -29.59
N TYR B 327 28.91 15.92 -28.93
CA TYR B 327 27.85 16.75 -29.43
C TYR B 327 28.24 18.23 -29.42
N SER B 328 29.32 18.56 -28.73
CA SER B 328 29.71 19.96 -28.64
C SER B 328 31.06 20.16 -27.97
N SER B 329 31.66 21.32 -28.17
CA SER B 329 32.97 21.60 -27.56
C SER B 329 32.79 22.53 -26.38
N ARG B 330 31.66 23.23 -26.34
CA ARG B 330 31.31 24.17 -25.28
C ARG B 330 31.41 23.53 -23.91
N THR B 331 32.04 24.20 -22.95
CA THR B 331 32.20 23.61 -21.61
C THR B 331 31.02 24.03 -20.74
N GLU B 332 30.39 25.14 -21.12
CA GLU B 332 29.18 25.64 -20.48
C GLU B 332 27.99 24.87 -21.05
N PRO B 333 26.79 25.12 -20.56
CA PRO B 333 25.60 24.41 -20.93
C PRO B 333 25.02 24.63 -22.32
N LEU B 334 24.79 23.54 -23.06
CA LEU B 334 24.25 23.61 -24.42
C LEU B 334 23.07 24.56 -24.47
N SER B 335 22.83 25.32 -25.51
CA SER B 335 21.74 26.28 -25.63
C SER B 335 20.48 25.66 -26.20
N ASP B 336 19.47 26.52 -26.29
CA ASP B 336 18.21 26.12 -26.90
C ASP B 336 18.34 25.74 -28.36
N GLU B 337 19.17 26.52 -29.05
CA GLU B 337 19.45 26.20 -30.45
C GLU B 337 20.11 24.82 -30.56
N GLU B 338 21.24 24.64 -29.85
CA GLU B 338 21.97 23.36 -29.92
C GLU B 338 21.09 22.16 -29.61
N LEU B 339 20.20 22.29 -28.62
CA LEU B 339 19.26 21.22 -28.26
C LEU B 339 18.39 20.91 -29.48
N ASP B 340 17.66 21.88 -30.03
CA ASP B 340 16.97 21.64 -31.29
C ASP B 340 17.81 20.87 -32.30
N LYS B 341 19.03 21.30 -32.57
CA LYS B 341 19.96 20.65 -33.49
C LYS B 341 20.22 19.20 -33.12
N ILE B 342 20.48 18.92 -31.85
CA ILE B 342 20.67 17.53 -31.45
C ILE B 342 19.41 16.72 -31.74
N ALA B 343 18.24 17.25 -31.42
CA ALA B 343 17.00 16.58 -31.75
C ALA B 343 16.93 16.11 -33.19
N LYS B 344 17.24 16.98 -34.13
CA LYS B 344 17.15 16.70 -35.56
C LYS B 344 18.06 15.55 -35.86
N GLN B 345 19.31 15.71 -35.46
CA GLN B 345 20.39 14.77 -35.63
C GLN B 345 20.07 13.31 -35.28
N LEU B 346 19.35 13.16 -34.17
CA LEU B 346 18.87 11.91 -33.66
C LEU B 346 17.46 11.54 -34.14
N ASN B 347 16.77 12.41 -34.88
CA ASN B 347 15.42 12.13 -35.33
C ASN B 347 14.46 12.10 -34.15
N LEU B 348 14.85 12.73 -33.05
CA LEU B 348 14.01 12.76 -31.87
C LEU B 348 13.37 14.13 -31.68
N GLY B 349 12.47 14.17 -30.71
CA GLY B 349 11.82 15.43 -30.37
C GLY B 349 12.71 16.10 -29.30
N ARG B 350 12.17 17.21 -28.82
CA ARG B 350 12.84 17.98 -27.78
C ARG B 350 12.53 17.31 -26.46
N TRP B 351 11.38 16.67 -26.35
CA TRP B 351 10.83 15.89 -25.28
C TRP B 351 10.45 14.55 -25.92
N ASN B 352 10.51 13.41 -25.24
CA ASN B 352 10.22 12.14 -25.88
C ASN B 352 9.42 11.14 -25.06
N PHE B 353 8.24 10.77 -25.49
CA PHE B 353 7.33 9.90 -24.79
C PHE B 353 7.57 8.44 -25.18
N TYR B 354 7.70 7.55 -24.21
CA TYR B 354 7.96 6.14 -24.44
C TYR B 354 6.86 5.37 -23.71
N GLY B 355 6.16 4.42 -24.33
CA GLY B 355 5.14 3.68 -23.61
C GLY B 355 4.99 2.28 -24.21
N ALA B 356 3.80 1.68 -23.97
CA ALA B 356 3.63 0.39 -24.61
C ALA B 356 2.19 -0.09 -24.36
N LEU B 357 1.79 -1.02 -25.20
CA LEU B 357 0.52 -1.66 -25.26
C LEU B 357 0.64 -3.11 -24.82
N TYR B 358 -0.25 -3.54 -23.95
CA TYR B 358 -0.25 -4.93 -23.50
C TYR B 358 -1.54 -5.72 -23.75
N GLY B 359 -1.44 -6.92 -24.32
CA GLY B 359 -2.58 -7.78 -24.52
C GLY B 359 -2.92 -8.10 -25.96
N PRO B 360 -4.01 -8.81 -26.16
CA PRO B 360 -4.47 -9.23 -27.47
C PRO B 360 -4.62 -8.06 -28.41
N GLU B 361 -4.19 -8.25 -29.68
CA GLU B 361 -4.21 -7.28 -30.73
C GLU B 361 -5.50 -6.48 -30.85
N PRO B 362 -6.67 -7.09 -30.95
CA PRO B 362 -7.91 -6.35 -30.96
C PRO B 362 -7.92 -5.26 -29.89
N ILE B 363 -7.47 -5.47 -28.66
CA ILE B 363 -7.48 -4.41 -27.65
C ILE B 363 -6.32 -3.46 -27.83
N ARG B 364 -5.09 -3.88 -28.10
CA ARG B 364 -3.99 -3.00 -28.38
C ARG B 364 -4.37 -1.95 -29.42
N ARG B 365 -4.86 -2.43 -30.57
CA ARG B 365 -5.33 -1.62 -31.66
C ARG B 365 -6.31 -0.54 -31.22
N VAL B 366 -7.37 -0.77 -30.44
CA VAL B 366 -8.22 0.36 -30.07
C VAL B 366 -7.43 1.37 -29.23
N LEU B 367 -6.67 0.85 -28.25
CA LEU B 367 -5.88 1.77 -27.43
C LEU B 367 -4.96 2.62 -28.28
N TRP B 368 -4.17 1.96 -29.12
CA TRP B 368 -3.26 2.66 -30.00
C TRP B 368 -3.86 3.70 -30.92
N GLU B 369 -5.04 3.46 -31.47
CA GLU B 369 -5.67 4.50 -32.30
C GLU B 369 -5.95 5.65 -31.34
N THR B 370 -6.60 5.50 -30.21
CA THR B 370 -6.83 6.52 -29.21
C THR B 370 -5.59 7.32 -28.91
N ILE B 371 -4.55 6.61 -28.48
CA ILE B 371 -3.31 7.32 -28.15
C ILE B 371 -2.93 8.26 -29.30
N LYS B 372 -2.55 7.74 -30.47
CA LYS B 372 -2.14 8.46 -31.66
C LYS B 372 -3.02 9.65 -31.97
N ASP B 373 -4.31 9.44 -31.97
CA ASP B 373 -5.37 10.40 -32.17
C ASP B 373 -5.18 11.61 -31.26
N ALA B 374 -4.96 11.34 -29.98
CA ALA B 374 -4.79 12.34 -28.95
C ALA B 374 -3.55 13.17 -29.23
N PHE B 375 -2.43 12.49 -29.37
CA PHE B 375 -1.15 13.13 -29.58
C PHE B 375 -1.02 13.83 -30.90
N SER B 376 -1.88 13.58 -31.86
CA SER B 376 -1.87 14.28 -33.14
C SER B 376 -2.37 15.70 -33.06
N ALA B 377 -2.65 16.27 -31.89
CA ALA B 377 -3.11 17.66 -31.76
C ALA B 377 -1.88 18.53 -31.46
N ILE B 378 -0.72 17.87 -31.43
CA ILE B 378 0.56 18.51 -31.22
C ILE B 378 1.24 18.54 -32.59
N PRO B 379 1.33 19.74 -33.14
CA PRO B 379 2.02 19.90 -34.41
C PRO B 379 3.37 19.19 -34.54
N GLY B 380 3.60 18.53 -35.66
CA GLY B 380 4.84 17.84 -35.93
C GLY B 380 5.18 16.62 -35.10
N VAL B 381 4.16 16.07 -34.45
CA VAL B 381 4.30 14.87 -33.61
C VAL B 381 4.67 13.71 -34.52
N LYS B 382 5.45 12.73 -34.12
CA LYS B 382 5.82 11.63 -35.01
C LYS B 382 5.88 10.30 -34.26
N PHE B 383 5.02 9.36 -34.56
CA PHE B 383 4.98 8.05 -33.92
C PHE B 383 5.91 7.01 -34.46
N TYR B 384 6.72 6.28 -33.69
CA TYR B 384 7.59 5.24 -34.21
C TYR B 384 7.62 3.94 -33.41
N PHE B 385 7.58 2.77 -34.02
CA PHE B 385 7.80 1.56 -33.20
C PHE B 385 9.30 1.24 -33.31
N PRO B 386 9.73 0.21 -32.62
CA PRO B 386 11.18 -0.08 -32.59
C PRO B 386 11.81 -0.21 -33.95
N GLU B 387 11.44 -1.13 -34.79
CA GLU B 387 11.75 -1.35 -36.18
C GLU B 387 11.97 -0.09 -37.00
N ASP B 388 11.12 0.93 -36.88
CA ASP B 388 11.18 2.21 -37.50
C ASP B 388 12.32 3.09 -37.04
N THR B 389 13.18 2.64 -36.14
CA THR B 389 14.24 3.47 -35.61
C THR B 389 15.58 2.75 -35.72
N PRO B 390 16.66 3.54 -35.72
CA PRO B 390 18.00 3.05 -35.84
C PRO B 390 18.33 1.94 -34.87
N GLU B 391 19.30 1.11 -35.20
CA GLU B 391 19.77 -0.01 -34.41
C GLU B 391 20.15 0.41 -33.00
N ASN B 392 20.77 1.56 -32.81
CA ASN B 392 21.29 2.04 -31.55
C ASN B 392 20.31 2.81 -30.67
N SER B 393 19.16 3.12 -31.25
CA SER B 393 18.11 3.87 -30.60
C SER B 393 17.75 3.43 -29.19
N VAL B 394 17.29 4.41 -28.42
CA VAL B 394 16.78 4.19 -27.07
C VAL B 394 15.51 3.34 -27.12
N LEU B 395 14.54 3.64 -28.00
CA LEU B 395 13.35 2.84 -28.15
C LEU B 395 13.68 1.36 -28.24
N ARG B 396 14.62 0.90 -29.05
CA ARG B 396 14.97 -0.50 -29.15
C ARG B 396 15.43 -1.09 -27.83
N VAL B 397 16.15 -0.33 -27.02
CA VAL B 397 16.58 -0.65 -25.69
C VAL B 397 15.35 -0.60 -24.75
N ARG B 398 14.60 0.50 -24.75
CA ARG B 398 13.40 0.58 -23.94
C ARG B 398 12.28 -0.37 -24.36
N ASP B 399 12.29 -0.94 -25.56
CA ASP B 399 11.31 -1.95 -25.94
C ASP B 399 11.55 -3.17 -25.04
N LYS B 400 12.79 -3.44 -24.62
CA LYS B 400 13.10 -4.54 -23.72
C LYS B 400 12.73 -4.15 -22.29
N THR B 401 12.98 -2.91 -21.94
CA THR B 401 12.69 -2.44 -20.59
C THR B 401 11.18 -2.53 -20.37
N MET B 402 10.31 -2.14 -21.29
CA MET B 402 8.88 -2.26 -20.98
C MET B 402 8.25 -3.62 -21.08
N GLN B 403 9.06 -4.63 -21.28
CA GLN B 403 8.52 -5.99 -21.28
C GLN B 403 9.16 -6.77 -20.15
N GLY B 404 9.95 -6.14 -19.30
CA GLY B 404 10.48 -6.84 -18.15
C GLY B 404 11.89 -7.37 -18.31
N ILE B 405 12.40 -7.16 -19.52
CA ILE B 405 13.77 -7.60 -19.81
C ILE B 405 14.75 -6.52 -19.39
N PRO B 406 15.64 -6.86 -18.46
CA PRO B 406 16.67 -5.93 -17.98
C PRO B 406 17.91 -5.84 -18.85
N THR B 407 18.57 -4.67 -18.91
CA THR B 407 19.74 -4.37 -19.71
C THR B 407 20.85 -3.60 -18.99
N TYR B 408 21.98 -3.35 -19.68
CA TYR B 408 23.08 -2.53 -19.17
C TYR B 408 23.28 -1.24 -19.95
N ASP B 409 22.58 -1.12 -21.09
CA ASP B 409 22.67 0.02 -21.99
C ASP B 409 22.63 1.40 -21.37
N GLU B 410 21.46 1.87 -20.92
CA GLU B 410 21.21 3.20 -20.41
C GLU B 410 22.14 3.80 -19.38
N LEU B 411 23.14 3.07 -18.91
CA LEU B 411 24.17 3.51 -18.00
C LEU B 411 25.12 4.49 -18.68
N LYS B 412 25.25 4.42 -20.01
CA LYS B 412 26.09 5.28 -20.81
C LYS B 412 26.00 6.76 -20.54
N TRP B 413 24.84 7.28 -20.13
CA TRP B 413 24.64 8.69 -19.85
C TRP B 413 25.34 9.16 -18.60
N ILE B 414 25.63 8.29 -17.66
CA ILE B 414 26.35 8.75 -16.47
C ILE B 414 27.61 9.45 -16.93
N ASP B 415 28.33 9.04 -17.96
CA ASP B 415 29.50 9.64 -18.54
C ASP B 415 29.30 10.93 -19.34
N TRP B 416 28.23 11.69 -19.13
CA TRP B 416 27.99 12.95 -19.81
C TRP B 416 29.20 13.88 -19.77
N LEU B 417 29.80 14.03 -18.58
CA LEU B 417 31.05 14.73 -18.33
C LEU B 417 32.14 13.72 -17.97
N PRO B 418 33.40 14.09 -18.06
CA PRO B 418 34.53 13.17 -18.00
C PRO B 418 34.68 12.25 -16.79
N ASN B 419 34.66 12.93 -15.64
CA ASN B 419 34.77 12.21 -14.38
C ASN B 419 33.41 12.39 -13.74
N GLY B 420 32.39 12.16 -14.54
CA GLY B 420 31.03 12.32 -14.08
C GLY B 420 30.71 11.32 -12.97
N ALA B 421 29.83 11.83 -12.15
CA ALA B 421 29.14 11.24 -11.04
C ALA B 421 27.77 11.88 -11.24
N HIS B 422 26.76 11.36 -10.56
CA HIS B 422 25.48 12.10 -10.74
C HIS B 422 24.71 12.02 -9.42
N LEU B 423 23.70 12.84 -9.31
CA LEU B 423 22.87 12.79 -8.12
C LEU B 423 21.47 13.00 -8.70
N PHE B 424 20.46 12.43 -8.11
CA PHE B 424 19.16 12.65 -8.68
C PHE B 424 18.41 13.63 -7.82
N PHE B 425 17.95 14.72 -8.41
CA PHE B 425 17.07 15.58 -7.60
C PHE B 425 15.67 15.03 -7.92
N SER B 426 14.94 14.41 -7.00
CA SER B 426 13.67 13.86 -7.49
C SER B 426 12.36 14.39 -6.96
N PRO B 427 11.84 15.53 -7.43
CA PRO B 427 10.52 15.96 -7.00
C PRO B 427 9.39 15.14 -7.62
N ILE B 428 8.15 15.37 -7.18
CA ILE B 428 6.95 14.76 -7.75
C ILE B 428 6.13 15.88 -8.37
N ALA B 429 5.34 15.76 -9.39
CA ALA B 429 4.63 16.92 -9.91
C ALA B 429 3.25 16.42 -10.34
N LYS B 430 2.18 17.20 -10.29
CA LYS B 430 0.89 16.66 -10.70
C LYS B 430 1.06 16.24 -12.16
N VAL B 431 0.07 15.55 -12.73
CA VAL B 431 0.08 15.20 -14.12
C VAL B 431 -0.83 16.28 -14.77
N SER B 432 -0.21 17.46 -14.80
CA SER B 432 -0.77 18.64 -15.41
C SER B 432 0.41 19.38 -16.08
N GLY B 433 0.26 19.68 -17.37
CA GLY B 433 1.22 20.45 -18.15
C GLY B 433 1.61 21.75 -17.44
N GLU B 434 0.61 22.57 -17.07
CA GLU B 434 0.87 23.77 -16.29
C GLU B 434 1.93 23.49 -15.22
N ASP B 435 1.60 22.57 -14.32
CA ASP B 435 2.48 22.19 -13.25
C ASP B 435 3.76 21.58 -13.78
N ALA B 436 3.73 20.60 -14.68
CA ALA B 436 5.00 20.05 -15.15
C ALA B 436 5.91 21.10 -15.73
N MET B 437 5.37 22.04 -16.49
CA MET B 437 6.19 23.11 -17.06
C MET B 437 6.76 23.96 -15.93
N MET B 438 5.95 24.28 -14.93
CA MET B 438 6.40 25.11 -13.82
C MET B 438 7.63 24.52 -13.14
N GLN B 439 7.54 23.25 -12.78
CA GLN B 439 8.65 22.53 -12.15
C GLN B 439 9.86 22.38 -13.04
N TYR B 440 9.65 22.17 -14.33
CA TYR B 440 10.73 22.17 -15.31
C TYR B 440 11.48 23.51 -15.32
N ALA B 441 10.79 24.62 -15.43
CA ALA B 441 11.30 25.97 -15.36
C ALA B 441 12.26 26.14 -14.18
N VAL B 442 11.68 25.91 -13.01
CA VAL B 442 12.36 26.04 -11.72
C VAL B 442 13.67 25.31 -11.80
N THR B 443 13.66 24.02 -12.07
CA THR B 443 14.84 23.21 -12.18
C THR B 443 15.79 23.62 -13.30
N LYS B 444 15.21 24.13 -14.40
CA LYS B 444 16.07 24.50 -15.53
C LYS B 444 16.77 25.81 -15.17
N LYS B 445 16.07 26.79 -14.57
CA LYS B 445 16.79 27.99 -14.17
C LYS B 445 17.99 27.58 -13.31
N ARG B 446 17.74 27.02 -12.12
CA ARG B 446 18.84 26.67 -11.24
C ARG B 446 19.95 25.95 -11.98
N CYS B 447 19.65 24.86 -12.65
CA CYS B 447 20.66 24.17 -13.44
C CYS B 447 21.54 25.12 -14.24
N GLN B 448 20.93 26.06 -14.94
CA GLN B 448 21.74 27.03 -15.69
C GLN B 448 22.59 27.82 -14.68
N GLU B 449 21.96 28.43 -13.67
CA GLU B 449 22.70 29.18 -12.66
C GLU B 449 23.92 28.41 -12.18
N ALA B 450 23.87 27.11 -12.06
CA ALA B 450 25.01 26.31 -11.66
C ALA B 450 25.94 25.99 -12.81
N GLY B 451 25.58 26.27 -14.04
CA GLY B 451 26.37 25.97 -15.21
C GLY B 451 26.28 24.50 -15.55
N LEU B 452 25.08 23.95 -15.37
CA LEU B 452 24.88 22.55 -15.68
C LEU B 452 23.78 22.38 -16.71
N ASP B 453 24.00 21.39 -17.59
CA ASP B 453 22.95 21.08 -18.53
C ASP B 453 21.83 20.49 -17.65
N PHE B 454 20.61 20.88 -17.92
CA PHE B 454 19.45 20.27 -17.31
C PHE B 454 19.33 18.94 -18.05
N ILE B 455 19.10 17.84 -17.37
CA ILE B 455 18.88 16.54 -17.99
C ILE B 455 17.82 15.83 -17.15
N GLY B 456 16.69 15.43 -17.67
CA GLY B 456 15.70 14.73 -16.85
C GLY B 456 14.58 13.95 -17.53
N THR B 457 13.71 13.29 -16.75
CA THR B 457 12.58 12.54 -17.21
C THR B 457 11.43 12.71 -16.20
N PHE B 458 10.23 12.62 -16.71
CA PHE B 458 9.05 12.51 -15.91
C PHE B 458 8.59 11.07 -16.14
N THR B 459 8.38 10.31 -15.06
CA THR B 459 7.82 8.97 -15.23
C THR B 459 6.35 9.14 -14.78
N VAL B 460 5.44 8.74 -15.64
CA VAL B 460 4.02 8.89 -15.38
C VAL B 460 3.42 7.85 -14.43
N GLY B 461 2.98 8.40 -13.31
CA GLY B 461 2.25 7.74 -12.24
C GLY B 461 0.77 7.85 -12.59
N MET B 462 -0.14 7.17 -11.93
CA MET B 462 -1.53 7.29 -12.37
C MET B 462 -2.05 8.70 -12.11
N ARG B 463 -1.71 9.37 -11.02
CA ARG B 463 -2.15 10.71 -10.73
C ARG B 463 -0.94 11.55 -10.30
N GLU B 464 0.24 11.00 -10.52
CA GLU B 464 1.43 11.80 -10.15
C GLU B 464 2.56 11.58 -11.14
N MET B 465 3.59 12.39 -11.11
CA MET B 465 4.68 12.22 -12.07
C MET B 465 6.02 12.42 -11.34
N HIS B 466 6.74 11.34 -11.25
CA HIS B 466 8.07 11.33 -10.64
C HIS B 466 9.06 12.04 -11.56
N HIS B 467 9.71 13.09 -11.13
CA HIS B 467 10.55 13.87 -12.00
C HIS B 467 12.02 13.74 -11.62
N ILE B 468 12.68 12.79 -12.26
CA ILE B 468 14.12 12.60 -11.99
C ILE B 468 15.09 13.53 -12.69
N VAL B 469 15.55 14.60 -12.08
CA VAL B 469 16.54 15.51 -12.63
C VAL B 469 17.93 14.89 -12.41
N CYS B 470 18.63 14.58 -13.50
CA CYS B 470 19.95 13.96 -13.38
C CYS B 470 21.08 14.99 -13.33
N ILE B 471 21.46 15.47 -12.16
CA ILE B 471 22.55 16.43 -12.07
C ILE B 471 23.89 15.73 -12.28
N VAL B 472 24.56 15.94 -13.43
CA VAL B 472 25.85 15.26 -13.53
C VAL B 472 26.97 16.28 -13.40
N PHE B 473 28.13 15.86 -12.88
CA PHE B 473 29.23 16.77 -12.66
C PHE B 473 30.58 16.08 -12.46
N ASN B 474 31.58 16.95 -12.41
CA ASN B 474 32.95 16.49 -12.27
C ASN B 474 33.36 16.09 -10.86
N LYS B 475 33.38 14.80 -10.52
CA LYS B 475 33.74 14.35 -9.18
C LYS B 475 35.11 14.77 -8.63
N LYS B 476 36.01 15.36 -9.40
CA LYS B 476 37.31 15.80 -8.96
C LYS B 476 37.42 17.32 -8.95
N ASP B 477 36.34 18.00 -9.32
CA ASP B 477 36.28 19.46 -9.34
C ASP B 477 35.70 20.05 -8.07
N LEU B 478 36.52 20.62 -7.21
CA LEU B 478 36.09 21.25 -5.98
C LEU B 478 35.00 22.29 -6.20
N ILE B 479 35.21 23.17 -7.17
CA ILE B 479 34.30 24.26 -7.47
C ILE B 479 32.93 23.81 -7.93
N GLN B 480 32.85 22.86 -8.86
CA GLN B 480 31.56 22.42 -9.39
C GLN B 480 30.78 21.54 -8.42
N LYS B 481 31.49 20.71 -7.66
CA LYS B 481 30.78 19.90 -6.67
C LYS B 481 30.04 20.85 -5.72
N ARG B 482 30.72 21.88 -5.24
CA ARG B 482 30.13 22.95 -4.44
C ARG B 482 28.97 23.65 -5.15
N LYS B 483 29.13 23.87 -6.45
CA LYS B 483 28.05 24.36 -7.29
C LYS B 483 26.89 23.36 -7.23
N VAL B 484 27.23 22.07 -7.26
CA VAL B 484 26.23 21.00 -7.26
C VAL B 484 25.49 20.94 -5.95
N GLN B 485 26.21 21.16 -4.85
CA GLN B 485 25.60 21.17 -3.53
C GLN B 485 24.65 22.37 -3.43
N TRP B 486 25.08 23.49 -4.00
CA TRP B 486 24.24 24.67 -3.91
C TRP B 486 22.96 24.40 -4.68
N LEU B 487 23.12 23.87 -5.88
CA LEU B 487 22.03 23.55 -6.78
C LEU B 487 20.94 22.74 -6.07
N MET B 488 21.42 21.59 -5.57
CA MET B 488 20.58 20.62 -4.89
C MET B 488 19.81 21.22 -3.73
N ARG B 489 20.51 21.94 -2.83
CA ARG B 489 19.80 22.49 -1.69
C ARG B 489 18.88 23.64 -2.03
N THR B 490 19.16 24.27 -3.17
CA THR B 490 18.38 25.41 -3.59
C THR B 490 17.16 24.85 -4.31
N LEU B 491 17.45 23.70 -4.97
CA LEU B 491 16.30 23.12 -5.68
C LEU B 491 15.30 22.64 -4.63
N ILE B 492 15.76 22.02 -3.54
CA ILE B 492 14.80 21.51 -2.57
C ILE B 492 13.93 22.64 -2.05
N ASP B 493 14.56 23.72 -1.60
CA ASP B 493 13.79 24.85 -1.10
C ASP B 493 12.82 25.38 -2.14
N ASP B 494 13.36 25.73 -3.32
CA ASP B 494 12.55 26.21 -4.42
C ASP B 494 11.35 25.29 -4.55
N CYS B 495 11.66 24.01 -4.72
CA CYS B 495 10.58 23.04 -4.94
C CYS B 495 9.56 23.06 -3.82
N ALA B 496 9.97 23.18 -2.57
CA ALA B 496 9.06 23.22 -1.43
C ALA B 496 8.23 24.49 -1.44
N ALA B 497 8.86 25.57 -1.82
CA ALA B 497 8.22 26.87 -1.98
C ALA B 497 7.08 26.84 -2.96
N ASN B 498 7.15 25.89 -3.90
CA ASN B 498 6.14 25.58 -4.89
C ASN B 498 5.37 24.31 -4.56
N GLY B 499 5.41 23.90 -3.31
CA GLY B 499 4.75 22.75 -2.77
C GLY B 499 4.98 21.40 -3.40
N TRP B 500 6.20 21.10 -3.79
CA TRP B 500 6.52 19.81 -4.36
C TRP B 500 7.67 19.28 -3.48
N GLY B 501 7.61 18.02 -3.18
CA GLY B 501 8.70 17.43 -2.41
C GLY B 501 9.30 16.31 -3.25
N GLU B 502 10.44 15.88 -2.74
CA GLU B 502 11.21 14.81 -3.35
C GLU B 502 10.80 13.47 -2.70
N TYR B 503 10.78 12.42 -3.53
CA TYR B 503 10.39 11.11 -3.03
C TYR B 503 11.60 10.29 -2.55
N ARG B 504 12.81 10.75 -2.86
CA ARG B 504 14.00 10.03 -2.50
C ARG B 504 15.27 10.87 -2.65
N THR B 505 16.34 10.66 -1.89
CA THR B 505 17.53 11.45 -2.06
C THR B 505 18.83 10.73 -1.62
N HIS B 506 19.90 11.52 -1.79
CA HIS B 506 21.20 11.04 -1.35
C HIS B 506 21.46 11.35 0.10
N LEU B 507 22.32 10.55 0.74
CA LEU B 507 22.64 10.73 2.16
C LEU B 507 22.68 12.17 2.66
N ALA B 508 23.43 13.07 2.01
CA ALA B 508 23.51 14.43 2.46
C ALA B 508 22.23 15.23 2.37
N PHE B 509 21.16 14.84 1.66
CA PHE B 509 20.03 15.76 1.56
C PHE B 509 18.80 15.28 2.32
N MET B 510 19.02 14.14 2.96
CA MET B 510 17.99 13.49 3.75
C MET B 510 17.38 14.45 4.76
N ASP B 511 18.23 15.07 5.60
CA ASP B 511 17.73 15.95 6.63
C ASP B 511 16.93 17.03 5.94
N GLN B 512 17.59 17.81 5.10
CA GLN B 512 16.90 18.89 4.43
C GLN B 512 15.54 18.40 3.95
N ILE B 513 15.62 17.35 3.10
CA ILE B 513 14.36 16.85 2.57
C ILE B 513 13.39 16.49 3.68
N MET B 514 13.84 15.79 4.76
CA MET B 514 12.79 15.52 5.73
C MET B 514 12.30 16.79 6.40
N GLU B 515 13.14 17.84 6.47
CA GLU B 515 12.70 19.10 7.09
C GLU B 515 11.61 19.78 6.28
N THR B 516 11.44 19.32 5.06
CA THR B 516 10.54 19.78 4.03
C THR B 516 9.16 19.35 4.45
N TYR B 517 9.11 18.12 4.95
CA TYR B 517 7.82 17.58 5.38
C TYR B 517 7.51 18.01 6.81
N ASN B 518 7.45 19.31 7.08
CA ASN B 518 7.26 19.75 8.45
C ASN B 518 5.89 20.23 8.83
N TRP B 519 4.86 19.90 8.06
CA TRP B 519 3.52 20.32 8.43
C TRP B 519 3.30 20.24 9.94
N ASN B 520 2.51 21.16 10.47
CA ASN B 520 2.21 21.09 11.90
C ASN B 520 3.43 20.81 12.76
N ASN B 521 4.43 21.64 12.55
CA ASN B 521 5.63 21.65 13.38
C ASN B 521 6.39 20.36 13.35
N SER B 522 6.56 19.76 12.18
CA SER B 522 7.29 18.51 12.07
C SER B 522 6.60 17.30 12.68
N SER B 523 5.27 17.29 12.85
CA SER B 523 4.56 16.17 13.40
C SER B 523 5.05 14.83 12.82
N PHE B 524 5.11 14.71 11.52
CA PHE B 524 5.48 13.44 10.92
C PHE B 524 6.84 12.93 11.32
N LEU B 525 7.89 13.72 11.42
CA LEU B 525 9.18 13.22 11.88
C LEU B 525 9.14 13.00 13.39
N ARG B 526 8.39 13.81 14.14
CA ARG B 526 8.34 13.55 15.60
C ARG B 526 7.85 12.12 15.85
N PHE B 527 6.64 11.86 15.34
CA PHE B 527 6.01 10.55 15.44
C PHE B 527 6.92 9.45 14.92
N ASN B 528 7.75 9.61 13.94
CA ASN B 528 8.70 8.64 13.40
C ASN B 528 9.78 8.40 14.44
N GLU B 529 10.31 9.49 15.00
CA GLU B 529 11.38 9.34 16.01
C GLU B 529 10.85 8.49 17.19
N VAL B 530 9.58 8.59 17.58
CA VAL B 530 9.17 7.69 18.64
C VAL B 530 9.30 6.28 18.04
N LEU B 531 8.60 5.99 16.95
CA LEU B 531 8.55 4.60 16.55
C LEU B 531 9.98 4.08 16.52
N LYS B 532 10.91 4.81 15.93
CA LYS B 532 12.28 4.38 15.96
C LYS B 532 12.86 4.10 17.33
N ASN B 533 12.72 5.05 18.26
CA ASN B 533 13.41 4.77 19.55
C ASN B 533 12.81 3.55 20.24
N ALA B 534 11.49 3.41 20.29
CA ALA B 534 10.82 2.30 20.89
C ALA B 534 11.44 0.99 20.42
N VAL B 535 11.52 0.82 19.11
CA VAL B 535 12.02 -0.43 18.55
C VAL B 535 13.53 -0.51 18.46
N ASP B 536 14.24 0.57 18.66
CA ASP B 536 15.70 0.54 18.52
C ASP B 536 16.34 1.40 19.60
N PRO B 537 16.17 0.98 20.85
CA PRO B 537 16.71 1.66 22.00
C PRO B 537 18.19 1.88 21.86
N ASN B 538 19.09 1.03 21.40
CA ASN B 538 20.47 1.48 21.23
C ASN B 538 20.67 2.24 19.92
N GLY B 539 19.65 2.41 19.10
CA GLY B 539 19.73 3.06 17.80
C GLY B 539 20.91 2.56 16.98
N ILE B 540 20.90 1.25 16.70
CA ILE B 540 22.02 0.70 15.91
C ILE B 540 21.65 0.43 14.49
N ILE B 541 20.36 0.51 14.16
CA ILE B 541 19.99 0.33 12.76
C ILE B 541 19.96 1.67 12.02
N ALA B 542 20.99 1.84 11.21
CA ALA B 542 21.04 2.95 10.27
C ALA B 542 20.57 4.28 10.81
N PRO B 543 21.30 4.81 11.78
CA PRO B 543 20.93 6.08 12.39
C PRO B 543 21.06 7.12 11.29
N GLY B 544 19.99 7.90 11.13
CA GLY B 544 19.97 8.97 10.15
C GLY B 544 19.30 8.69 8.85
N LYS B 545 19.05 7.42 8.54
CA LYS B 545 18.40 7.15 7.22
C LYS B 545 17.12 7.96 7.18
N SER B 546 16.82 8.59 6.06
CA SER B 546 15.67 9.44 5.80
C SER B 546 15.45 10.53 6.83
N GLY B 547 16.50 10.95 7.52
CA GLY B 547 16.44 12.02 8.50
C GLY B 547 15.91 11.51 9.82
N VAL B 548 15.91 10.21 10.04
CA VAL B 548 15.35 9.75 11.33
C VAL B 548 16.51 9.31 12.23
N TRP B 549 16.55 10.04 13.37
CA TRP B 549 17.67 9.84 14.29
C TRP B 549 17.25 9.39 15.70
N PRO B 550 17.88 8.33 16.14
CA PRO B 550 17.61 7.78 17.48
C PRO B 550 18.18 8.75 18.50
N SER B 551 17.64 8.76 19.73
CA SER B 551 18.04 9.83 20.66
C SER B 551 19.48 10.00 20.99
N GLN B 552 20.32 8.97 20.92
CA GLN B 552 21.75 9.12 21.21
C GLN B 552 22.62 9.79 20.15
N TYR B 553 22.00 10.38 19.14
CA TYR B 553 22.61 11.06 18.02
C TYR B 553 22.09 12.51 18.02
N SER B 554 22.77 13.36 18.79
CA SER B 554 22.37 14.76 18.83
C SER B 554 22.14 15.28 17.39
N HIS B 555 20.99 15.92 17.21
CA HIS B 555 20.66 16.54 15.94
C HIS B 555 21.72 17.58 15.63
N VAL B 556 22.12 18.35 16.62
CA VAL B 556 23.13 19.40 16.39
C VAL B 556 24.39 18.79 15.76
N THR B 557 24.88 17.72 16.36
CA THR B 557 26.11 17.16 15.86
C THR B 557 25.89 16.50 14.52
N TRP B 558 24.81 15.78 14.26
CA TRP B 558 24.65 15.05 13.01
C TRP B 558 23.92 15.57 11.81
N LYS B 559 22.85 16.35 11.92
CA LYS B 559 22.14 16.72 10.70
C LYS B 559 22.93 17.60 9.75
N LEU B 560 22.73 17.43 8.44
CA LEU B 560 23.30 18.28 7.42
C LEU B 560 22.12 18.84 6.61
#